data_8IQK
#
_entry.id   8IQK
#
_cell.length_a   102.524
_cell.length_b   61.668
_cell.length_c   102.528
_cell.angle_alpha   90.00
_cell.angle_beta   90.19
_cell.angle_gamma   90.00
#
_symmetry.space_group_name_H-M   'P 1 2 1'
#
loop_
_entity.id
_entity.type
_entity.pdbx_description
1 polymer 'Bcl-2-like protein 1'
2 polymer 'Bcl-2-modifying factor'
#
loop_
_entity_poly.entity_id
_entity_poly.type
_entity_poly.pdbx_seq_one_letter_code
_entity_poly.pdbx_strand_id
1 'polypeptide(L)'
;MSQSNRELVVDFLSYKLSQKGYSWSQFSDVEENRTEAPEGTESEMAAVKQALREAGDEFELRYRRAFSDLTSQLHITPGT
AYQSFEQVVNELFRDGVNWGRIVAFFSFGGALCVESVDKEMQVLVSRIAAWMATYLNDHLEPWIQENGGWDTFVELYGNN
AAAESRKGQER
;
A,C,E,G
2 'polypeptide(L)' HQAEVQIARKLQCIADQFHRLHVQQ B,D,F,H
#
# COMPACT_ATOMS: atom_id res chain seq x y z
N MET A 1 34.88 -8.34 -4.22
CA MET A 1 34.36 -7.13 -3.60
C MET A 1 34.31 -7.26 -2.08
N SER A 2 34.86 -8.37 -1.59
CA SER A 2 34.83 -8.69 -0.16
C SER A 2 33.45 -8.50 0.46
N GLN A 3 32.42 -8.89 -0.28
CA GLN A 3 31.08 -8.98 0.29
C GLN A 3 31.02 -10.25 1.12
N SER A 4 31.54 -10.18 2.34
CA SER A 4 31.62 -11.34 3.21
C SER A 4 30.29 -11.60 3.92
N ASN A 5 29.25 -10.90 3.48
CA ASN A 5 27.90 -11.12 3.97
C ASN A 5 27.47 -12.54 3.61
N ARG A 6 27.94 -13.00 2.46
CA ARG A 6 27.81 -14.39 2.04
C ARG A 6 28.20 -15.34 3.19
N GLU A 7 29.36 -15.10 3.78
CA GLU A 7 29.84 -15.94 4.89
C GLU A 7 28.92 -15.82 6.10
N LEU A 8 28.39 -14.63 6.34
CA LEU A 8 27.46 -14.41 7.44
C LEU A 8 26.16 -15.17 7.21
N VAL A 9 25.66 -15.12 5.98
CA VAL A 9 24.43 -15.78 5.61
C VAL A 9 24.58 -17.30 5.73
N VAL A 10 25.64 -17.83 5.12
CA VAL A 10 25.90 -19.27 5.16
C VAL A 10 26.09 -19.76 6.59
N ASP A 11 26.80 -18.97 7.40
CA ASP A 11 27.05 -19.33 8.79
C ASP A 11 25.74 -19.41 9.58
N PHE A 12 24.84 -18.45 9.35
CA PHE A 12 23.57 -18.43 10.05
C PHE A 12 22.67 -19.58 9.60
N LEU A 13 22.62 -19.80 8.28
CA LEU A 13 21.79 -20.87 7.74
C LEU A 13 22.32 -22.24 8.14
N SER A 14 23.64 -22.38 8.17
CA SER A 14 24.26 -23.63 8.59
C SER A 14 23.89 -23.95 10.03
N TYR A 15 23.88 -22.92 10.87
CA TYR A 15 23.49 -23.07 12.27
C TYR A 15 22.05 -23.53 12.40
N LYS A 16 21.16 -22.87 11.67
CA LYS A 16 19.74 -23.24 11.68
C LYS A 16 19.51 -24.65 11.13
N LEU A 17 20.30 -25.02 10.12
CA LEU A 17 20.19 -26.35 9.54
C LEU A 17 20.78 -27.40 10.48
N SER A 18 21.87 -27.06 11.14
CA SER A 18 22.53 -27.99 12.07
C SER A 18 21.64 -28.31 13.26
N GLN A 19 20.82 -27.33 13.66
CA GLN A 19 19.86 -27.52 14.75
C GLN A 19 18.90 -28.65 14.43
N LYS A 20 18.52 -28.76 13.17
CA LYS A 20 17.58 -29.78 12.73
C LYS A 20 18.28 -31.07 12.32
N GLY A 21 19.60 -31.08 12.42
CA GLY A 21 20.38 -32.29 12.21
C GLY A 21 21.06 -32.38 10.86
N TYR A 22 20.79 -31.44 9.96
CA TYR A 22 21.38 -31.48 8.63
C TYR A 22 22.76 -30.82 8.59
N SER A 23 23.29 -30.69 7.39
CA SER A 23 24.55 -30.00 7.15
C SER A 23 24.42 -29.13 5.91
N TRP A 24 25.05 -27.96 5.93
CA TRP A 24 25.04 -27.06 4.79
C TRP A 24 25.68 -27.70 3.57
N SER A 25 26.60 -28.62 3.82
CA SER A 25 27.31 -29.31 2.75
CA SER A 25 27.32 -29.32 2.76
C SER A 25 26.37 -30.12 1.87
N GLN A 26 25.23 -30.53 2.44
CA GLN A 26 24.26 -31.34 1.72
C GLN A 26 23.55 -30.57 0.61
N PHE A 27 23.58 -29.25 0.68
CA PHE A 27 22.77 -28.43 -0.22
C PHE A 27 23.59 -27.48 -1.10
N SER A 28 24.86 -27.31 -0.78
CA SER A 28 25.71 -26.40 -1.54
C SER A 28 27.17 -26.79 -1.47
N ASP A 29 27.84 -26.78 -2.63
CA ASP A 29 29.25 -27.12 -2.71
C ASP A 29 30.12 -25.94 -2.28
N SER A 43 41.92 -9.99 12.01
CA SER A 43 40.71 -9.85 11.21
C SER A 43 39.70 -10.94 11.53
N GLU A 44 40.08 -11.85 12.42
CA GLU A 44 39.16 -12.91 12.86
C GLU A 44 38.25 -12.42 13.97
N MET A 45 37.58 -11.29 13.72
CA MET A 45 36.67 -10.70 14.68
C MET A 45 35.24 -11.14 14.39
N ALA A 46 35.10 -12.37 13.91
CA ALA A 46 33.80 -12.95 13.61
C ALA A 46 33.08 -13.38 14.88
N ALA A 47 32.91 -12.44 15.80
CA ALA A 47 32.06 -12.65 16.96
C ALA A 47 30.65 -12.24 16.58
N VAL A 48 30.53 -11.68 15.38
CA VAL A 48 29.24 -11.36 14.78
C VAL A 48 28.48 -12.64 14.51
N LYS A 49 29.21 -13.67 14.11
CA LYS A 49 28.65 -14.99 13.88
C LYS A 49 27.94 -15.48 15.13
N GLN A 50 28.61 -15.39 16.27
CA GLN A 50 28.05 -15.79 17.54
C GLN A 50 26.93 -14.85 17.98
N ALA A 51 27.13 -13.56 17.73
CA ALA A 51 26.15 -12.55 18.11
C ALA A 51 24.86 -12.69 17.32
N LEU A 52 24.98 -13.03 16.04
CA LEU A 52 23.82 -13.14 15.16
C LEU A 52 23.03 -14.42 15.45
N ARG A 53 23.73 -15.47 15.84
CA ARG A 53 23.08 -16.74 16.16
C ARG A 53 22.19 -16.62 17.39
N GLU A 54 22.73 -16.05 18.45
CA GLU A 54 21.97 -15.82 19.68
C GLU A 54 20.78 -14.90 19.41
N ALA A 55 21.02 -13.85 18.64
CA ALA A 55 19.97 -12.90 18.27
C ALA A 55 18.87 -13.58 17.49
N GLY A 56 19.26 -14.40 16.53
CA GLY A 56 18.31 -15.14 15.72
C GLY A 56 17.47 -16.09 16.56
N ASP A 57 18.13 -16.78 17.48
CA ASP A 57 17.45 -17.70 18.39
C ASP A 57 16.43 -16.96 19.24
N GLU A 58 16.81 -15.78 19.73
CA GLU A 58 15.94 -14.99 20.58
C GLU A 58 14.75 -14.44 19.81
N PHE A 59 14.98 -14.01 18.56
CA PHE A 59 13.92 -13.49 17.72
C PHE A 59 12.84 -14.55 17.49
N GLU A 60 13.27 -15.73 17.08
CA GLU A 60 12.36 -16.83 16.80
C GLU A 60 11.60 -17.24 18.06
N LEU A 61 12.25 -17.11 19.21
CA LEU A 61 11.63 -17.42 20.49
C LEU A 61 10.50 -16.44 20.80
N ARG A 62 10.76 -15.16 20.56
CA ARG A 62 9.77 -14.12 20.80
C ARG A 62 8.65 -14.18 19.78
N TYR A 63 8.99 -14.53 18.54
CA TYR A 63 8.02 -14.63 17.45
C TYR A 63 7.04 -15.78 17.71
N ARG A 64 7.57 -16.92 18.15
CA ARG A 64 6.78 -18.11 18.37
C ARG A 64 5.88 -17.99 19.61
N ARG A 65 6.11 -16.94 20.40
CA ARG A 65 5.29 -16.71 21.58
C ARG A 65 4.07 -15.85 21.23
N ALA A 66 4.30 -14.83 20.41
CA ALA A 66 3.23 -13.93 20.00
C ALA A 66 2.35 -14.55 18.93
N PHE A 67 2.98 -15.29 18.01
CA PHE A 67 2.24 -15.99 16.97
C PHE A 67 2.71 -17.43 16.90
N SER A 68 2.38 -18.12 15.81
CA SER A 68 2.95 -19.43 15.54
C SER A 68 4.38 -19.23 15.05
N ASP A 69 5.20 -20.26 15.16
CA ASP A 69 6.60 -20.15 14.74
C ASP A 69 6.65 -19.88 13.24
N LEU A 70 7.70 -19.18 12.81
CA LEU A 70 7.81 -18.68 11.44
C LEU A 70 7.85 -19.79 10.39
N THR A 71 8.21 -21.00 10.82
CA THR A 71 8.37 -22.12 9.89
C THR A 71 7.05 -22.59 9.29
N SER A 72 5.94 -22.22 9.91
CA SER A 72 4.62 -22.66 9.45
C SER A 72 3.71 -21.49 9.06
N GLN A 73 4.30 -20.32 8.87
CA GLN A 73 3.52 -19.13 8.54
C GLN A 73 3.03 -19.14 7.09
N LEU A 74 3.94 -19.36 6.16
CA LEU A 74 3.61 -19.31 4.74
C LEU A 74 3.65 -20.68 4.08
N HIS A 75 2.68 -20.94 3.21
CA HIS A 75 2.65 -22.17 2.42
C HIS A 75 3.51 -22.00 1.18
N ILE A 76 4.64 -22.71 1.12
CA ILE A 76 5.60 -22.53 0.05
C ILE A 76 5.58 -23.66 -0.98
N THR A 77 5.84 -23.28 -2.23
CA THR A 77 6.08 -24.22 -3.32
C THR A 77 7.32 -23.74 -4.06
N PRO A 78 7.98 -24.63 -4.82
CA PRO A 78 9.16 -24.21 -5.58
C PRO A 78 8.94 -22.97 -6.45
N GLY A 79 7.80 -22.87 -7.12
CA GLY A 79 7.52 -21.75 -7.99
C GLY A 79 7.00 -20.52 -7.27
N THR A 80 6.54 -20.72 -6.03
CA THR A 80 5.98 -19.63 -5.24
C THR A 80 7.06 -18.92 -4.42
N ALA A 81 8.10 -19.68 -4.08
CA ALA A 81 9.12 -19.26 -3.12
C ALA A 81 9.74 -17.88 -3.37
N TYR A 82 10.29 -17.67 -4.56
CA TYR A 82 11.05 -16.45 -4.84
C TYR A 82 10.21 -15.19 -4.72
N GLN A 83 9.04 -15.19 -5.34
CA GLN A 83 8.14 -14.04 -5.29
C GLN A 83 7.66 -13.78 -3.86
N SER A 84 7.50 -14.87 -3.10
CA SER A 84 7.07 -14.75 -1.71
C SER A 84 8.17 -14.17 -0.83
N PHE A 85 9.41 -14.56 -1.08
CA PHE A 85 10.54 -14.08 -0.31
C PHE A 85 10.74 -12.58 -0.50
N GLU A 86 10.77 -12.14 -1.76
CA GLU A 86 11.02 -10.74 -2.07
C GLU A 86 9.88 -9.85 -1.60
N GLN A 87 8.65 -10.36 -1.66
CA GLN A 87 7.48 -9.60 -1.23
C GLN A 87 7.52 -9.33 0.27
N VAL A 88 7.90 -10.35 1.04
CA VAL A 88 8.01 -10.21 2.49
C VAL A 88 9.10 -9.22 2.88
N VAL A 89 10.29 -9.43 2.34
CA VAL A 89 11.46 -8.62 2.67
C VAL A 89 11.26 -7.14 2.32
N ASN A 90 10.69 -6.88 1.15
CA ASN A 90 10.43 -5.51 0.71
C ASN A 90 9.48 -4.76 1.62
N GLU A 91 8.47 -5.46 2.13
CA GLU A 91 7.48 -4.85 3.01
C GLU A 91 8.05 -4.68 4.42
N LEU A 92 9.04 -5.49 4.75
CA LEU A 92 9.70 -5.43 6.05
C LEU A 92 10.62 -4.22 6.14
N PHE A 93 11.15 -3.80 4.99
CA PHE A 93 12.16 -2.74 4.94
C PHE A 93 11.69 -1.47 4.24
N ARG A 94 10.39 -1.37 3.98
CA ARG A 94 9.86 -0.23 3.25
C ARG A 94 9.82 1.03 4.12
N ASP A 95 9.39 0.87 5.37
CA ASP A 95 9.20 2.01 6.26
C ASP A 95 10.41 2.26 7.15
N GLY A 96 11.58 1.74 6.75
CA GLY A 96 12.80 1.98 7.49
C GLY A 96 13.60 0.73 7.81
N VAL A 97 14.85 0.93 8.22
CA VAL A 97 15.75 -0.17 8.53
C VAL A 97 16.43 0.00 9.89
N ASN A 98 16.23 -0.97 10.78
CA ASN A 98 16.95 -1.01 12.04
C ASN A 98 17.54 -2.40 12.27
N TRP A 99 18.35 -2.52 13.33
CA TRP A 99 19.04 -3.77 13.62
C TRP A 99 18.08 -4.93 13.91
N GLY A 100 16.92 -4.60 14.48
CA GLY A 100 15.91 -5.60 14.77
C GLY A 100 15.35 -6.23 13.52
N ARG A 101 15.13 -5.42 12.50
CA ARG A 101 14.57 -5.88 11.24
C ARG A 101 15.58 -6.71 10.44
N ILE A 102 16.86 -6.45 10.67
CA ILE A 102 17.92 -7.21 10.03
C ILE A 102 18.01 -8.61 10.64
N VAL A 103 17.75 -8.69 11.94
CA VAL A 103 17.66 -9.98 12.61
C VAL A 103 16.41 -10.72 12.13
N ALA A 104 15.32 -9.97 11.96
CA ALA A 104 14.10 -10.51 11.37
C ALA A 104 14.38 -11.08 10.00
N PHE A 105 15.22 -10.37 9.24
CA PHE A 105 15.62 -10.78 7.91
C PHE A 105 16.35 -12.12 7.90
N PHE A 106 17.26 -12.31 8.86
CA PHE A 106 18.03 -13.54 8.93
C PHE A 106 17.21 -14.72 9.40
N SER A 107 16.44 -14.53 10.48
CA SER A 107 15.66 -15.62 11.06
C SER A 107 14.51 -16.04 10.14
N PHE A 108 14.07 -15.13 9.28
CA PHE A 108 13.03 -15.45 8.31
C PHE A 108 13.58 -16.37 7.23
N GLY A 109 14.75 -16.02 6.69
CA GLY A 109 15.40 -16.83 5.69
C GLY A 109 15.77 -18.19 6.24
N GLY A 110 16.16 -18.22 7.52
CA GLY A 110 16.49 -19.46 8.19
C GLY A 110 15.29 -20.36 8.32
N ALA A 111 14.14 -19.76 8.66
CA ALA A 111 12.90 -20.52 8.80
C ALA A 111 12.45 -21.10 7.46
N LEU A 112 12.73 -20.38 6.39
CA LEU A 112 12.39 -20.84 5.04
C LEU A 112 13.21 -22.06 4.64
N CYS A 113 14.52 -22.00 4.91
CA CYS A 113 15.41 -23.12 4.63
C CYS A 113 14.98 -24.36 5.39
N VAL A 114 14.74 -24.19 6.69
CA VAL A 114 14.34 -25.30 7.55
C VAL A 114 13.01 -25.91 7.09
N GLU A 115 12.07 -25.06 6.70
CA GLU A 115 10.77 -25.55 6.21
C GLU A 115 10.90 -26.23 4.86
N SER A 116 11.69 -25.64 3.97
CA SER A 116 11.85 -26.18 2.62
C SER A 116 12.47 -27.57 2.64
N VAL A 117 13.29 -27.84 3.64
CA VAL A 117 13.87 -29.18 3.80
C VAL A 117 12.83 -30.15 4.36
N ASP A 118 12.04 -29.67 5.31
CA ASP A 118 11.01 -30.51 5.93
C ASP A 118 9.91 -30.85 4.94
N LYS A 119 9.58 -29.91 4.06
CA LYS A 119 8.59 -30.16 3.01
C LYS A 119 9.26 -30.75 1.77
N GLU A 120 10.54 -31.12 1.93
CA GLU A 120 11.30 -31.80 0.89
C GLU A 120 11.43 -30.98 -0.40
N MET A 121 11.84 -29.72 -0.24
CA MET A 121 12.17 -28.87 -1.36
C MET A 121 13.58 -28.33 -1.17
N GLN A 122 14.54 -29.24 -1.08
CA GLN A 122 15.94 -28.94 -0.81
C GLN A 122 16.54 -27.98 -1.84
N VAL A 123 15.92 -27.96 -3.01
CA VAL A 123 16.35 -27.12 -4.12
C VAL A 123 16.42 -25.64 -3.75
N LEU A 124 15.57 -25.23 -2.81
CA LEU A 124 15.44 -23.83 -2.44
C LEU A 124 16.55 -23.34 -1.51
N VAL A 125 17.13 -24.26 -0.74
CA VAL A 125 18.12 -23.91 0.29
C VAL A 125 19.29 -23.10 -0.26
N SER A 126 19.84 -23.55 -1.39
CA SER A 126 20.93 -22.84 -2.03
C SER A 126 20.49 -21.46 -2.51
N ARG A 127 19.24 -21.38 -2.95
CA ARG A 127 18.71 -20.15 -3.53
C ARG A 127 18.35 -19.12 -2.45
N ILE A 128 17.75 -19.59 -1.36
CA ILE A 128 17.39 -18.72 -0.25
C ILE A 128 18.63 -17.98 0.26
N ALA A 129 19.75 -18.70 0.35
CA ALA A 129 21.02 -18.10 0.72
C ALA A 129 21.44 -17.05 -0.29
N ALA A 130 21.31 -17.39 -1.57
CA ALA A 130 21.67 -16.49 -2.66
C ALA A 130 20.77 -15.25 -2.66
N TRP A 131 19.48 -15.47 -2.43
CA TRP A 131 18.51 -14.37 -2.38
C TRP A 131 18.85 -13.42 -1.24
N MET A 132 19.14 -13.98 -0.07
CA MET A 132 19.51 -13.20 1.10
C MET A 132 20.79 -12.41 0.88
N ALA A 133 21.79 -13.09 0.31
CA ALA A 133 23.11 -12.49 0.10
C ALA A 133 23.06 -11.28 -0.84
N THR A 134 22.28 -11.40 -1.91
CA THR A 134 22.16 -10.31 -2.88
C THR A 134 21.46 -9.10 -2.30
N TYR A 135 20.36 -9.33 -1.57
CA TYR A 135 19.63 -8.23 -0.95
C TYR A 135 20.46 -7.58 0.14
N LEU A 136 21.27 -8.38 0.82
CA LEU A 136 22.13 -7.89 1.89
C LEU A 136 23.23 -7.00 1.35
N ASN A 137 23.57 -7.20 0.08
CA ASN A 137 24.59 -6.39 -0.58
C ASN A 137 24.02 -5.19 -1.31
N ASP A 138 22.87 -5.39 -1.96
CA ASP A 138 22.29 -4.36 -2.83
C ASP A 138 21.48 -3.31 -2.05
N HIS A 139 20.84 -3.72 -0.97
CA HIS A 139 19.85 -2.86 -0.33
C HIS A 139 20.02 -2.66 1.17
N LEU A 140 20.98 -3.34 1.79
CA LEU A 140 21.13 -3.25 3.24
C LEU A 140 22.48 -2.74 3.72
N GLU A 141 23.55 -3.09 3.01
CA GLU A 141 24.89 -2.66 3.42
C GLU A 141 25.08 -1.12 3.42
N PRO A 142 24.44 -0.40 2.46
CA PRO A 142 24.44 1.07 2.59
C PRO A 142 23.99 1.57 3.97
N TRP A 143 23.08 0.85 4.61
CA TRP A 143 22.63 1.21 5.94
C TRP A 143 23.62 0.76 7.01
N ILE A 144 24.26 -0.38 6.75
CA ILE A 144 25.12 -1.03 7.75
C ILE A 144 26.27 -0.15 8.24
N GLN A 145 27.16 0.25 7.34
CA GLN A 145 28.36 0.98 7.75
C GLN A 145 28.07 2.45 8.00
N GLU A 146 26.92 2.92 7.54
CA GLU A 146 26.47 4.28 7.86
C GLU A 146 25.77 4.28 9.21
N ASN A 147 25.73 3.11 9.83
CA ASN A 147 25.26 2.98 11.21
C ASN A 147 26.31 2.28 12.07
N GLY A 148 27.53 2.20 11.55
CA GLY A 148 28.67 1.74 12.34
C GLY A 148 29.21 0.36 12.03
N GLY A 149 28.76 -0.24 10.94
CA GLY A 149 29.24 -1.56 10.55
C GLY A 149 28.64 -2.68 11.40
N TRP A 150 29.22 -3.87 11.28
CA TRP A 150 28.67 -5.07 11.92
C TRP A 150 29.09 -5.22 13.39
N ASP A 151 30.19 -4.57 13.76
CA ASP A 151 30.68 -4.65 15.14
C ASP A 151 29.69 -3.91 16.03
N THR A 152 29.17 -2.78 15.53
CA THR A 152 28.18 -1.99 16.25
C THR A 152 27.00 -2.85 16.70
N PHE A 153 26.65 -3.83 15.88
CA PHE A 153 25.63 -4.81 16.23
C PHE A 153 26.07 -5.69 17.39
N VAL A 154 27.34 -6.10 17.36
CA VAL A 154 27.90 -6.94 18.42
C VAL A 154 27.95 -6.17 19.74
N GLU A 155 28.23 -4.87 19.64
CA GLU A 155 28.30 -4.03 20.83
C GLU A 155 26.92 -3.83 21.46
N LEU A 156 25.93 -3.52 20.61
CA LEU A 156 24.59 -3.22 21.09
C LEU A 156 23.83 -4.46 21.56
N TYR A 157 24.15 -5.62 21.00
CA TYR A 157 23.43 -6.85 21.33
C TYR A 157 24.31 -7.93 21.93
N GLY A 158 25.47 -7.54 22.48
CA GLY A 158 26.41 -8.49 23.09
C GLY A 158 26.81 -9.62 22.13
N HIS B 1 -3.50 -9.14 -2.99
CA HIS B 1 -3.59 -10.53 -2.54
C HIS B 1 -2.25 -11.11 -2.00
N GLN B 2 -1.86 -10.65 -0.82
CA GLN B 2 -0.70 -11.24 -0.13
C GLN B 2 -0.91 -11.45 1.39
N ALA B 3 -0.64 -12.67 1.86
CA ALA B 3 -0.48 -12.89 3.30
C ALA B 3 0.99 -12.70 3.67
N GLU B 4 1.78 -12.36 2.65
CA GLU B 4 3.22 -12.11 2.85
C GLU B 4 3.45 -10.83 3.65
N VAL B 5 2.61 -9.83 3.42
CA VAL B 5 2.74 -8.55 4.10
C VAL B 5 2.38 -8.68 5.58
N GLN B 6 1.42 -9.56 5.87
CA GLN B 6 1.03 -9.85 7.25
C GLN B 6 2.20 -10.45 8.01
N ILE B 7 2.95 -11.31 7.33
CA ILE B 7 4.15 -11.90 7.92
C ILE B 7 5.21 -10.83 8.13
N ALA B 8 5.37 -9.95 7.16
CA ALA B 8 6.32 -8.85 7.24
C ALA B 8 6.01 -7.92 8.40
N ARG B 9 4.72 -7.71 8.65
CA ARG B 9 4.28 -6.87 9.75
C ARG B 9 4.49 -7.56 11.08
N LYS B 10 4.21 -8.87 11.13
CA LYS B 10 4.47 -9.65 12.33
C LYS B 10 5.97 -9.69 12.62
N LEU B 11 6.77 -9.69 11.57
CA LEU B 11 8.22 -9.61 11.71
C LEU B 11 8.62 -8.27 12.30
N GLN B 12 8.04 -7.20 11.77
CA GLN B 12 8.34 -5.85 12.24
C GLN B 12 7.88 -5.63 13.68
N CYS B 13 6.77 -6.24 14.06
CA CYS B 13 6.21 -6.07 15.40
C CYS B 13 7.17 -6.57 16.48
N ILE B 14 7.89 -7.65 16.18
CA ILE B 14 8.86 -8.20 17.12
C ILE B 14 10.20 -7.48 16.94
N ALA B 15 10.52 -7.14 15.69
CA ALA B 15 11.78 -6.49 15.36
C ALA B 15 11.91 -5.09 15.93
N ASP B 16 10.81 -4.36 15.94
CA ASP B 16 10.78 -3.01 16.42
C ASP B 16 11.01 -2.96 17.89
N GLN B 17 10.44 -3.93 18.59
CA GLN B 17 10.51 -4.02 20.04
C GLN B 17 11.70 -4.83 20.49
N PHE B 18 12.64 -5.02 19.59
CA PHE B 18 13.82 -5.82 19.82
C PHE B 18 15.00 -4.98 20.25
N HIS B 19 14.83 -3.69 20.44
CA HIS B 19 16.00 -2.94 20.92
C HIS B 19 16.30 -3.23 22.39
N ARG B 20 15.28 -3.63 23.16
CA ARG B 20 15.48 -4.08 24.51
C ARG B 20 16.03 -5.49 24.49
N LEU B 21 17.32 -5.57 24.17
CA LEU B 21 18.10 -6.80 24.03
C LEU B 21 17.72 -7.95 24.92
N MET C 1 31.38 -28.64 -33.73
CA MET C 1 30.70 -28.20 -34.94
C MET C 1 30.24 -26.75 -34.81
N SER C 2 30.77 -26.05 -33.81
CA SER C 2 30.37 -24.68 -33.49
C SER C 2 28.85 -24.54 -33.38
N GLN C 3 28.22 -25.56 -32.82
CA GLN C 3 26.80 -25.48 -32.51
C GLN C 3 26.62 -24.56 -31.31
N SER C 4 26.59 -23.26 -31.58
CA SER C 4 26.47 -22.26 -30.53
C SER C 4 25.03 -22.13 -30.07
N ASN C 5 24.16 -22.98 -30.60
CA ASN C 5 22.76 -23.00 -30.20
C ASN C 5 22.60 -23.47 -28.77
N ARG C 6 23.51 -24.34 -28.34
CA ARG C 6 23.55 -24.80 -26.95
C ARG C 6 23.66 -23.61 -26.02
N GLU C 7 24.57 -22.70 -26.34
CA GLU C 7 24.75 -21.47 -25.57
C GLU C 7 23.47 -20.65 -25.55
N LEU C 8 22.80 -20.57 -26.69
CA LEU C 8 21.55 -19.84 -26.81
C LEU C 8 20.45 -20.48 -25.95
N VAL C 9 20.34 -21.80 -26.04
CA VAL C 9 19.35 -22.54 -25.27
C VAL C 9 19.60 -22.41 -23.78
N VAL C 10 20.84 -22.68 -23.36
CA VAL C 10 21.21 -22.58 -21.95
C VAL C 10 21.01 -21.17 -21.42
N ASP C 11 21.34 -20.17 -22.23
CA ASP C 11 21.17 -18.78 -21.83
C ASP C 11 19.71 -18.42 -21.63
N PHE C 12 18.85 -18.85 -22.55
CA PHE C 12 17.43 -18.55 -22.47
C PHE C 12 16.80 -19.27 -21.29
N LEU C 13 17.17 -20.53 -21.08
CA LEU C 13 16.62 -21.32 -19.99
C LEU C 13 17.14 -20.82 -18.64
N SER C 14 18.38 -20.35 -18.62
CA SER C 14 18.94 -19.77 -17.41
C SER C 14 18.15 -18.54 -17.01
N TYR C 15 17.82 -17.72 -18.00
CA TYR C 15 17.04 -16.51 -17.80
C TYR C 15 15.65 -16.83 -17.25
N LYS C 16 14.97 -17.79 -17.86
CA LYS C 16 13.65 -18.20 -17.42
C LYS C 16 13.68 -18.79 -16.02
N LEU C 17 14.73 -19.56 -15.72
CA LEU C 17 14.89 -20.14 -14.39
C LEU C 17 15.25 -19.08 -13.36
N SER C 18 16.05 -18.09 -13.77
CA SER C 18 16.47 -17.02 -12.88
C SER C 18 15.29 -16.14 -12.47
N GLN C 19 14.31 -16.04 -13.36
CA GLN C 19 13.09 -15.29 -13.07
C GLN C 19 12.35 -15.89 -11.88
N LYS C 20 12.40 -17.21 -11.78
CA LYS C 20 11.71 -17.93 -10.71
C LYS C 20 12.61 -18.13 -9.49
N GLY C 21 13.84 -17.65 -9.57
CA GLY C 21 14.73 -17.66 -8.43
C GLY C 21 15.77 -18.77 -8.42
N TYR C 22 15.77 -19.62 -9.44
CA TYR C 22 16.75 -20.70 -9.51
C TYR C 22 17.96 -20.25 -10.32
N SER C 23 18.87 -21.19 -10.56
CA SER C 23 19.99 -20.95 -11.45
C SER C 23 20.32 -22.23 -12.21
N TRP C 24 20.74 -22.09 -13.46
CA TRP C 24 21.00 -23.22 -14.34
C TRP C 24 22.03 -24.20 -13.75
N SER C 25 22.89 -23.70 -12.88
CA SER C 25 23.93 -24.52 -12.27
CA SER C 25 23.93 -24.51 -12.26
C SER C 25 23.34 -25.65 -11.42
N GLN C 26 22.12 -25.44 -10.95
CA GLN C 26 21.45 -26.42 -10.10
C GLN C 26 21.03 -27.69 -10.83
N PHE C 27 21.00 -27.63 -12.16
CA PHE C 27 20.40 -28.72 -12.93
C PHE C 27 21.35 -29.33 -13.95
N SER C 28 22.50 -28.68 -14.19
CA SER C 28 23.48 -29.19 -15.13
C SER C 28 24.88 -28.69 -14.82
N ASP C 29 25.87 -29.54 -15.03
CA ASP C 29 27.26 -29.19 -14.77
C ASP C 29 27.97 -28.74 -16.04
N SER C 43 33.49 -11.10 -32.28
CA SER C 43 32.69 -12.31 -32.17
C SER C 43 31.72 -12.23 -31.00
N GLU C 44 31.87 -11.19 -30.18
CA GLU C 44 31.00 -10.98 -29.03
C GLU C 44 29.76 -10.19 -29.42
N MET C 45 29.07 -10.67 -30.45
CA MET C 45 27.84 -10.03 -30.91
C MET C 45 26.63 -10.78 -30.37
N ALA C 46 26.76 -11.29 -29.16
CA ALA C 46 25.67 -11.99 -28.50
C ALA C 46 24.65 -11.01 -27.94
N ALA C 47 24.11 -10.17 -28.81
CA ALA C 47 22.96 -9.33 -28.46
C ALA C 47 21.71 -10.11 -28.80
N VAL C 48 21.92 -11.27 -29.42
CA VAL C 48 20.85 -12.21 -29.70
C VAL C 48 20.24 -12.70 -28.40
N LYS C 49 21.10 -12.95 -27.41
CA LYS C 49 20.66 -13.33 -26.08
C LYS C 49 19.65 -12.33 -25.53
N GLN C 50 20.02 -11.05 -25.57
CA GLN C 50 19.14 -9.99 -25.12
C GLN C 50 17.91 -9.88 -26.02
N ALA C 51 18.12 -10.05 -27.31
CA ALA C 51 17.03 -9.99 -28.28
C ALA C 51 16.05 -11.14 -28.09
N LEU C 52 16.58 -12.33 -27.83
CA LEU C 52 15.76 -13.52 -27.68
C LEU C 52 14.99 -13.49 -26.36
N ARG C 53 15.61 -12.92 -25.33
CA ARG C 53 14.98 -12.82 -24.01
C ARG C 53 13.76 -11.90 -24.05
N GLU C 54 13.93 -10.72 -24.65
CA GLU C 54 12.84 -9.77 -24.78
C GLU C 54 11.69 -10.37 -25.61
N ALA C 55 12.04 -11.01 -26.71
CA ALA C 55 11.05 -11.64 -27.58
C ALA C 55 10.30 -12.75 -26.85
N GLY C 56 11.04 -13.55 -26.08
CA GLY C 56 10.45 -14.62 -25.31
C GLY C 56 9.47 -14.09 -24.29
N ASP C 57 9.86 -13.03 -23.59
CA ASP C 57 9.00 -12.38 -22.61
C ASP C 57 7.71 -11.88 -23.25
N GLU C 58 7.84 -11.24 -24.40
CA GLU C 58 6.70 -10.67 -25.11
C GLU C 58 5.75 -11.76 -25.62
N PHE C 59 6.33 -12.87 -26.08
CA PHE C 59 5.52 -13.99 -26.57
C PHE C 59 4.65 -14.55 -25.44
N GLU C 60 5.29 -14.85 -24.31
CA GLU C 60 4.60 -15.41 -23.16
C GLU C 60 3.54 -14.45 -22.62
N LEU C 61 3.79 -13.15 -22.80
CA LEU C 61 2.83 -12.12 -22.41
C LEU C 61 1.60 -12.16 -23.31
N ARG C 62 1.84 -12.28 -24.62
CA ARG C 62 0.76 -12.34 -25.59
C ARG C 62 0.01 -13.67 -25.49
N TYR C 63 0.71 -14.71 -25.07
CA TYR C 63 0.11 -16.03 -24.95
C TYR C 63 -0.81 -16.12 -23.74
N ARG C 64 -0.37 -15.55 -22.62
CA ARG C 64 -1.13 -15.61 -21.38
C ARG C 64 -2.35 -14.70 -21.43
N ARG C 65 -2.37 -13.79 -22.40
CA ARG C 65 -3.51 -12.89 -22.56
C ARG C 65 -4.62 -13.55 -23.37
N ALA C 66 -4.24 -14.26 -24.41
CA ALA C 66 -5.20 -14.94 -25.28
C ALA C 66 -5.71 -16.24 -24.66
N PHE C 67 -4.81 -17.00 -24.05
CA PHE C 67 -5.19 -18.24 -23.39
C PHE C 67 -4.70 -18.23 -21.94
N SER C 68 -4.46 -19.41 -21.40
CA SER C 68 -3.80 -19.54 -20.11
C SER C 68 -2.29 -19.50 -20.33
N ASP C 69 -1.53 -19.37 -19.25
CA ASP C 69 -0.08 -19.35 -19.35
C ASP C 69 0.41 -20.69 -19.85
N LEU C 70 1.49 -20.68 -20.63
CA LEU C 70 2.04 -21.89 -21.25
C LEU C 70 2.46 -22.95 -20.24
N THR C 71 2.69 -22.53 -19.00
CA THR C 71 3.21 -23.40 -17.95
C THR C 71 2.16 -24.35 -17.35
N SER C 72 0.91 -24.11 -17.68
CA SER C 72 -0.18 -24.92 -17.15
C SER C 72 -0.96 -25.64 -18.25
N GLN C 73 -0.39 -25.72 -19.45
CA GLN C 73 -1.17 -26.18 -20.59
C GLN C 73 -1.17 -27.69 -20.76
N LEU C 74 0.00 -28.30 -20.57
CA LEU C 74 0.12 -29.75 -20.64
C LEU C 74 0.41 -30.29 -19.25
N HIS C 75 -0.26 -31.38 -18.89
CA HIS C 75 0.03 -32.06 -17.64
C HIS C 75 1.17 -33.03 -17.86
N ILE C 76 2.32 -32.74 -17.26
CA ILE C 76 3.53 -33.50 -17.54
C ILE C 76 3.92 -34.47 -16.43
N THR C 77 4.53 -35.58 -16.84
CA THR C 77 5.18 -36.51 -15.94
C THR C 77 6.50 -36.89 -16.60
N PRO C 78 7.48 -37.40 -15.82
CA PRO C 78 8.77 -37.79 -16.39
C PRO C 78 8.66 -38.69 -17.63
N GLY C 79 7.84 -39.73 -17.56
CA GLY C 79 7.71 -40.66 -18.67
C GLY C 79 6.97 -40.07 -19.86
N THR C 80 6.04 -39.17 -19.58
CA THR C 80 5.21 -38.54 -20.61
C THR C 80 5.97 -37.42 -21.34
N ALA C 81 6.82 -36.72 -20.58
CA ALA C 81 7.47 -35.48 -21.02
C ALA C 81 8.06 -35.49 -22.44
N TYR C 82 8.94 -36.45 -22.72
CA TYR C 82 9.67 -36.47 -23.99
C TYR C 82 8.76 -36.59 -25.21
N GLN C 83 7.84 -37.54 -25.16
CA GLN C 83 6.91 -37.76 -26.27
C GLN C 83 6.01 -36.55 -26.49
N SER C 84 5.64 -35.88 -25.38
CA SER C 84 4.80 -34.69 -25.47
C SER C 84 5.56 -33.53 -26.08
N PHE C 85 6.83 -33.39 -25.72
CA PHE C 85 7.65 -32.31 -26.25
C PHE C 85 7.80 -32.41 -27.76
N GLU C 86 8.23 -33.57 -28.24
CA GLU C 86 8.47 -33.77 -29.67
C GLU C 86 7.18 -33.68 -30.47
N GLN C 87 6.06 -34.09 -29.87
CA GLN C 87 4.77 -34.03 -30.54
C GLN C 87 4.33 -32.59 -30.77
N VAL C 88 4.54 -31.74 -29.77
CA VAL C 88 4.19 -30.33 -29.88
C VAL C 88 5.04 -29.62 -30.94
N VAL C 89 6.35 -29.80 -30.83
CA VAL C 89 7.29 -29.13 -31.70
C VAL C 89 7.11 -29.52 -33.17
N ASN C 90 6.86 -30.81 -33.41
CA ASN C 90 6.65 -31.31 -34.77
C ASN C 90 5.43 -30.71 -35.43
N GLU C 91 4.38 -30.48 -34.64
CA GLU C 91 3.13 -29.93 -35.17
C GLU C 91 3.25 -28.42 -35.40
N LEU C 92 4.04 -27.76 -34.57
CA LEU C 92 4.27 -26.32 -34.68
C LEU C 92 5.07 -25.99 -35.92
N PHE C 93 5.90 -26.93 -36.37
CA PHE C 93 6.82 -26.70 -37.47
C PHE C 93 6.49 -27.48 -38.73
N ARG C 94 5.33 -28.13 -38.76
CA ARG C 94 4.98 -29.01 -39.87
C ARG C 94 4.69 -28.23 -41.15
N ASP C 95 3.88 -27.18 -41.04
CA ASP C 95 3.47 -26.43 -42.22
C ASP C 95 4.23 -25.11 -42.39
N GLY C 96 5.51 -25.10 -42.02
CA GLY C 96 6.35 -23.94 -42.23
C GLY C 96 7.12 -23.46 -41.01
N VAL C 97 8.17 -22.69 -41.26
CA VAL C 97 9.01 -22.15 -40.20
C VAL C 97 9.23 -20.64 -40.39
N ASN C 98 8.95 -19.87 -39.36
CA ASN C 98 9.30 -18.45 -39.34
C ASN C 98 9.90 -18.08 -37.99
N TRP C 99 10.38 -16.85 -37.86
CA TRP C 99 11.05 -16.40 -36.65
C TRP C 99 10.16 -16.45 -35.41
N GLY C 100 8.86 -16.39 -35.62
CA GLY C 100 7.91 -16.27 -34.53
C GLY C 100 7.67 -17.62 -33.89
N ARG C 101 7.63 -18.64 -34.75
CA ARG C 101 7.51 -20.02 -34.30
C ARG C 101 8.79 -20.44 -33.59
N ILE C 102 9.92 -19.84 -33.98
CA ILE C 102 11.19 -20.14 -33.34
C ILE C 102 11.21 -19.55 -31.92
N VAL C 103 10.57 -18.39 -31.76
CA VAL C 103 10.39 -17.81 -30.44
C VAL C 103 9.39 -18.66 -29.65
N ALA C 104 8.34 -19.11 -30.33
CA ALA C 104 7.36 -20.03 -29.76
C ALA C 104 8.07 -21.29 -29.28
N PHE C 105 9.07 -21.71 -30.05
CA PHE C 105 9.88 -22.88 -29.71
C PHE C 105 10.66 -22.66 -28.41
N PHE C 106 11.26 -21.48 -28.27
CA PHE C 106 12.04 -21.17 -27.07
C PHE C 106 11.16 -20.97 -25.85
N SER C 107 10.06 -20.25 -26.01
CA SER C 107 9.15 -19.98 -24.89
C SER C 107 8.53 -21.26 -24.36
N PHE C 108 8.19 -22.17 -25.26
CA PHE C 108 7.60 -23.45 -24.88
C PHE C 108 8.57 -24.29 -24.06
N GLY C 109 9.84 -24.29 -24.48
CA GLY C 109 10.87 -25.01 -23.76
C GLY C 109 11.10 -24.43 -22.38
N GLY C 110 11.08 -23.10 -22.30
CA GLY C 110 11.25 -22.41 -21.04
C GLY C 110 10.11 -22.69 -20.08
N ALA C 111 8.89 -22.72 -20.61
CA ALA C 111 7.71 -22.99 -19.80
C ALA C 111 7.75 -24.39 -19.21
N LEU C 112 8.29 -25.34 -19.97
CA LEU C 112 8.43 -26.72 -19.51
C LEU C 112 9.41 -26.83 -18.36
N CYS C 113 10.53 -26.14 -18.47
CA CYS C 113 11.55 -26.14 -17.42
C CYS C 113 10.99 -25.58 -16.12
N VAL C 114 10.32 -24.43 -16.22
CA VAL C 114 9.73 -23.79 -15.06
C VAL C 114 8.67 -24.67 -14.39
N GLU C 115 7.85 -25.33 -15.20
CA GLU C 115 6.82 -26.22 -14.68
C GLU C 115 7.42 -27.47 -14.06
N SER C 116 8.41 -28.05 -14.73
CA SER C 116 9.04 -29.28 -14.26
C SER C 116 9.70 -29.07 -12.89
N VAL C 117 10.27 -27.90 -12.67
CA VAL C 117 10.89 -27.58 -11.39
C VAL C 117 9.82 -27.38 -10.31
N ASP C 118 8.72 -26.72 -10.68
CA ASP C 118 7.66 -26.42 -9.73
C ASP C 118 6.89 -27.67 -9.32
N LYS C 119 6.73 -28.60 -10.27
CA LYS C 119 6.08 -29.88 -9.97
C LYS C 119 7.12 -30.92 -9.52
N GLU C 120 8.31 -30.44 -9.17
CA GLU C 120 9.36 -31.26 -8.59
C GLU C 120 9.80 -32.40 -9.50
N MET C 121 10.04 -32.06 -10.77
CA MET C 121 10.62 -33.01 -11.72
C MET C 121 11.87 -32.37 -12.34
N GLN C 122 12.86 -32.08 -11.48
CA GLN C 122 14.05 -31.34 -11.89
C GLN C 122 14.89 -32.10 -12.92
N VAL C 123 14.63 -33.40 -13.07
CA VAL C 123 15.37 -34.24 -13.99
C VAL C 123 15.24 -33.77 -15.44
N LEU C 124 14.04 -33.27 -15.76
CA LEU C 124 13.71 -32.91 -17.14
C LEU C 124 14.46 -31.67 -17.63
N VAL C 125 14.83 -30.80 -16.71
CA VAL C 125 15.46 -29.51 -17.05
C VAL C 125 16.67 -29.66 -17.97
N SER C 126 17.62 -30.50 -17.56
CA SER C 126 18.80 -30.76 -18.36
C SER C 126 18.43 -31.40 -19.69
N ARG C 127 17.41 -32.25 -19.66
CA ARG C 127 16.97 -32.97 -20.84
C ARG C 127 16.21 -32.07 -21.82
N ILE C 128 15.36 -31.21 -21.29
CA ILE C 128 14.61 -30.26 -22.10
C ILE C 128 15.56 -29.40 -22.93
N ALA C 129 16.64 -28.95 -22.30
CA ALA C 129 17.69 -28.20 -22.99
C ALA C 129 18.30 -29.05 -24.09
N ALA C 130 18.59 -30.31 -23.77
CA ALA C 130 19.17 -31.24 -24.73
C ALA C 130 18.21 -31.48 -25.89
N TRP C 131 16.94 -31.69 -25.58
CA TRP C 131 15.91 -31.89 -26.60
C TRP C 131 15.84 -30.68 -27.53
N MET C 132 15.87 -29.49 -26.93
CA MET C 132 15.81 -28.25 -27.70
C MET C 132 17.05 -28.07 -28.57
N ALA C 133 18.22 -28.29 -27.98
CA ALA C 133 19.48 -28.10 -28.69
C ALA C 133 19.63 -29.04 -29.87
N THR C 134 19.22 -30.29 -29.70
CA THR C 134 19.30 -31.27 -30.77
C THR C 134 18.37 -30.93 -31.92
N TYR C 135 17.13 -30.57 -31.60
CA TYR C 135 16.16 -30.20 -32.63
C TYR C 135 16.59 -28.93 -33.33
N LEU C 136 17.17 -28.01 -32.57
CA LEU C 136 17.64 -26.73 -33.12
C LEU C 136 18.78 -26.95 -34.10
N ASN C 137 19.62 -27.94 -33.82
CA ASN C 137 20.75 -28.27 -34.68
C ASN C 137 20.34 -29.13 -35.88
N ASP C 138 19.31 -29.95 -35.70
CA ASP C 138 18.93 -30.93 -36.71
C ASP C 138 17.90 -30.43 -37.70
N HIS C 139 16.90 -29.69 -37.23
CA HIS C 139 15.76 -29.34 -38.07
C HIS C 139 15.51 -27.84 -38.24
N LEU C 140 16.35 -27.00 -37.65
CA LEU C 140 16.09 -25.56 -37.69
C LEU C 140 17.24 -24.71 -38.22
N GLU C 141 18.49 -25.13 -38.00
CA GLU C 141 19.62 -24.34 -38.44
C GLU C 141 19.76 -24.20 -39.98
N PRO C 142 19.35 -25.22 -40.76
CA PRO C 142 19.33 -24.95 -42.21
C PRO C 142 18.42 -23.78 -42.56
N TRP C 143 17.28 -23.65 -41.88
CA TRP C 143 16.39 -22.53 -42.11
C TRP C 143 17.00 -21.22 -41.63
N ILE C 144 17.66 -21.28 -40.47
CA ILE C 144 18.30 -20.11 -39.88
C ILE C 144 19.31 -19.48 -40.84
N GLN C 145 20.23 -20.30 -41.34
CA GLN C 145 21.29 -19.84 -42.23
C GLN C 145 20.72 -19.32 -43.55
N GLU C 146 19.69 -19.98 -44.05
CA GLU C 146 19.10 -19.64 -45.34
C GLU C 146 18.18 -18.43 -45.25
N ASN C 147 17.95 -17.94 -44.03
CA ASN C 147 17.10 -16.78 -43.83
C ASN C 147 17.83 -15.62 -43.15
N GLY C 148 19.16 -15.65 -43.17
CA GLY C 148 19.94 -14.52 -42.72
C GLY C 148 20.68 -14.67 -41.40
N GLY C 149 20.63 -15.85 -40.81
CA GLY C 149 21.33 -16.10 -39.55
C GLY C 149 20.64 -15.48 -38.35
N TRP C 150 21.32 -15.51 -37.21
CA TRP C 150 20.71 -15.07 -35.95
C TRP C 150 20.73 -13.54 -35.73
N ASP C 151 21.49 -12.82 -36.54
CA ASP C 151 21.59 -11.37 -36.37
C ASP C 151 20.38 -10.78 -37.08
N THR C 152 20.02 -11.35 -38.22
CA THR C 152 18.82 -10.93 -38.95
C THR C 152 17.60 -10.93 -38.02
N PHE C 153 17.60 -11.85 -37.07
CA PHE C 153 16.59 -11.87 -36.02
C PHE C 153 16.70 -10.61 -35.15
N VAL C 154 17.92 -10.23 -34.79
CA VAL C 154 18.14 -9.03 -33.98
C VAL C 154 17.72 -7.77 -34.74
N GLU C 155 18.07 -7.72 -36.03
CA GLU C 155 17.74 -6.58 -36.88
C GLU C 155 16.24 -6.34 -36.96
N LEU C 156 15.47 -7.42 -37.07
CA LEU C 156 14.03 -7.32 -37.19
C LEU C 156 13.37 -7.27 -35.81
N TYR C 157 14.15 -7.55 -34.76
CA TYR C 157 13.60 -7.64 -33.39
C TYR C 157 14.40 -6.88 -32.32
N GLY C 158 15.07 -5.80 -32.70
CA GLY C 158 15.95 -5.15 -31.76
C GLY C 158 15.15 -4.62 -30.59
N HIS D 1 -5.41 -39.18 -30.52
CA HIS D 1 -5.84 -38.25 -29.48
C HIS D 1 -4.65 -37.59 -28.77
N GLN D 2 -4.47 -36.30 -29.00
CA GLN D 2 -3.52 -35.50 -28.23
C GLN D 2 -4.03 -34.09 -28.01
N ALA D 3 -3.69 -33.51 -26.85
CA ALA D 3 -3.94 -32.10 -26.59
C ALA D 3 -2.69 -31.30 -26.89
N GLU D 4 -1.65 -32.00 -27.33
CA GLU D 4 -0.39 -31.37 -27.71
C GLU D 4 -0.54 -30.55 -28.98
N VAL D 5 -1.32 -31.06 -29.93
CA VAL D 5 -1.55 -30.39 -31.19
C VAL D 5 -2.28 -29.07 -30.98
N GLN D 6 -3.20 -29.05 -30.03
CA GLN D 6 -3.94 -27.84 -29.69
C GLN D 6 -3.00 -26.78 -29.14
N ILE D 7 -2.00 -27.22 -28.39
CA ILE D 7 -0.99 -26.31 -27.86
C ILE D 7 -0.13 -25.76 -28.99
N ALA D 8 0.26 -26.62 -29.91
CA ALA D 8 1.08 -26.22 -31.05
C ALA D 8 0.36 -25.19 -31.92
N ARG D 9 -0.94 -25.37 -32.08
CA ARG D 9 -1.74 -24.44 -32.88
C ARG D 9 -1.90 -23.10 -32.17
N LYS D 10 -2.10 -23.14 -30.85
CA LYS D 10 -2.13 -21.93 -30.04
C LYS D 10 -0.80 -21.20 -30.13
N LEU D 11 0.28 -21.98 -30.11
CA LEU D 11 1.62 -21.42 -30.28
C LEU D 11 1.76 -20.80 -31.67
N GLN D 12 1.27 -21.50 -32.68
CA GLN D 12 1.29 -20.99 -34.05
C GLN D 12 0.44 -19.73 -34.20
N CYS D 13 -0.71 -19.74 -33.54
CA CYS D 13 -1.67 -18.64 -33.62
C CYS D 13 -1.07 -17.30 -33.20
N ILE D 14 -0.16 -17.34 -32.24
CA ILE D 14 0.47 -16.14 -31.73
C ILE D 14 1.81 -15.91 -32.43
N ALA D 15 2.48 -17.00 -32.81
CA ALA D 15 3.73 -16.91 -33.53
C ALA D 15 3.56 -16.28 -34.90
N ASP D 16 2.46 -16.58 -35.56
CA ASP D 16 2.23 -16.11 -36.93
C ASP D 16 1.85 -14.63 -36.98
N GLN D 17 1.39 -14.09 -35.85
CA GLN D 17 1.03 -12.67 -35.78
C GLN D 17 2.07 -11.88 -35.00
N PHE D 18 3.21 -12.51 -34.76
CA PHE D 18 4.22 -11.97 -33.87
C PHE D 18 5.18 -11.04 -34.59
N HIS D 19 5.21 -11.09 -35.92
CA HIS D 19 6.21 -10.30 -36.59
C HIS D 19 5.69 -8.90 -36.87
N ARG D 20 4.49 -8.64 -36.37
CA ARG D 20 4.08 -7.29 -36.10
C ARG D 20 4.68 -6.91 -34.75
N LEU D 21 6.01 -6.80 -34.71
CA LEU D 21 6.80 -6.75 -33.47
C LEU D 21 6.25 -5.88 -32.35
N MET E 1 -32.28 5.39 16.58
CA MET E 1 -32.24 4.10 15.90
C MET E 1 -31.40 3.10 16.69
N SER E 2 -31.40 3.25 18.01
CA SER E 2 -30.58 2.44 18.91
C SER E 2 -29.16 2.25 18.41
N GLN E 3 -28.59 3.29 17.84
CA GLN E 3 -27.16 3.34 17.66
C GLN E 3 -26.57 3.79 18.99
N SER E 4 -26.54 2.86 19.95
CA SER E 4 -26.12 3.17 21.31
C SER E 4 -24.61 3.22 21.42
N ASN E 5 -23.93 3.07 20.29
CA ASN E 5 -22.48 3.21 20.22
C ASN E 5 -22.06 4.62 20.63
N ARG E 6 -22.90 5.59 20.29
CA ARG E 6 -22.68 6.97 20.69
C ARG E 6 -22.50 7.08 22.20
N GLU E 7 -23.36 6.37 22.94
CA GLU E 7 -23.28 6.34 24.39
C GLU E 7 -21.96 5.71 24.84
N LEU E 8 -21.53 4.66 24.16
CA LEU E 8 -20.26 4.00 24.47
C LEU E 8 -19.09 4.95 24.22
N VAL E 9 -19.10 5.61 23.07
CA VAL E 9 -18.05 6.55 22.70
C VAL E 9 -17.99 7.71 23.69
N VAL E 10 -19.13 8.33 23.96
CA VAL E 10 -19.21 9.43 24.89
C VAL E 10 -18.76 9.02 26.28
N ASP E 11 -19.13 7.81 26.70
CA ASP E 11 -18.74 7.29 28.00
C ASP E 11 -17.23 7.11 28.10
N PHE E 12 -16.64 6.49 27.08
CA PHE E 12 -15.21 6.24 27.07
C PHE E 12 -14.42 7.55 27.03
N LEU E 13 -14.85 8.47 26.18
CA LEU E 13 -14.17 9.76 26.06
C LEU E 13 -14.34 10.59 27.34
N SER E 14 -15.51 10.47 27.97
CA SER E 14 -15.75 11.15 29.24
C SER E 14 -14.77 10.64 30.30
N TYR E 15 -14.56 9.34 30.31
CA TYR E 15 -13.63 8.71 31.24
C TYR E 15 -12.20 9.19 31.01
N LYS E 16 -11.77 9.19 29.74
CA LYS E 16 -10.43 9.64 29.39
C LYS E 16 -10.24 11.12 29.73
N LEU E 17 -11.28 11.93 29.52
CA LEU E 17 -11.23 13.35 29.84
C LEU E 17 -11.26 13.57 31.34
N SER E 18 -12.06 12.78 32.06
CA SER E 18 -12.19 12.93 33.50
C SER E 18 -10.88 12.58 34.21
N GLN E 19 -10.09 11.70 33.61
CA GLN E 19 -8.78 11.35 34.15
C GLN E 19 -7.88 12.58 34.19
N LYS E 20 -8.03 13.45 33.19
CA LYS E 20 -7.23 14.66 33.10
C LYS E 20 -7.88 15.83 33.83
N GLY E 21 -9.05 15.59 34.40
CA GLY E 21 -9.71 16.58 35.23
C GLY E 21 -10.80 17.38 34.54
N TYR E 22 -11.08 17.06 33.29
CA TYR E 22 -12.11 17.77 32.54
C TYR E 22 -13.48 17.11 32.67
N SER E 23 -14.44 17.64 31.95
CA SER E 23 -15.78 17.06 31.88
C SER E 23 -16.27 17.08 30.44
N TRP E 24 -17.01 16.04 30.05
CA TRP E 24 -17.54 15.96 28.70
C TRP E 24 -18.50 17.12 28.40
N SER E 25 -19.17 17.60 29.44
CA SER E 25 -20.12 18.70 29.30
C SER E 25 -19.46 19.98 28.80
N GLN E 26 -18.16 20.12 29.04
CA GLN E 26 -17.42 21.30 28.62
C GLN E 26 -17.30 21.43 27.10
N PHE E 27 -17.48 20.31 26.40
CA PHE E 27 -17.18 20.27 24.98
C PHE E 27 -18.38 19.94 24.10
N SER E 28 -19.46 19.44 24.70
CA SER E 28 -20.65 19.08 23.94
C SER E 28 -21.91 19.14 24.79
N ASP E 29 -23.02 19.49 24.14
CA ASP E 29 -24.30 19.58 24.83
C ASP E 29 -25.17 18.36 24.54
N SER E 43 -32.25 -3.94 30.79
CA SER E 43 -31.36 -3.54 29.70
C SER E 43 -30.18 -2.72 30.21
N GLU E 44 -30.07 -2.61 31.54
CA GLU E 44 -28.93 -1.92 32.14
C GLU E 44 -27.71 -2.84 32.20
N MET E 45 -27.38 -3.43 31.07
CA MET E 45 -26.26 -4.35 30.98
C MET E 45 -25.00 -3.63 30.54
N ALA E 46 -24.90 -2.35 30.90
CA ALA E 46 -23.75 -1.54 30.55
C ALA E 46 -22.54 -1.86 31.44
N ALA E 47 -22.19 -3.14 31.49
CA ALA E 47 -20.93 -3.56 32.10
C ALA E 47 -19.87 -3.49 31.01
N VAL E 48 -20.33 -3.24 29.79
CA VAL E 48 -19.46 -3.02 28.65
C VAL E 48 -18.65 -1.74 28.87
N LYS E 49 -19.29 -0.76 29.48
CA LYS E 49 -18.63 0.50 29.84
C LYS E 49 -17.43 0.24 30.73
N GLN E 50 -17.66 -0.48 31.82
CA GLN E 50 -16.59 -0.82 32.76
C GLN E 50 -15.55 -1.71 32.09
N ALA E 51 -16.00 -2.57 31.19
CA ALA E 51 -15.11 -3.49 30.49
C ALA E 51 -14.23 -2.72 29.50
N LEU E 52 -14.82 -1.76 28.81
CA LEU E 52 -14.10 -0.99 27.79
C LEU E 52 -13.12 -0.01 28.42
N ARG E 53 -13.46 0.48 29.61
CA ARG E 53 -12.59 1.41 30.32
C ARG E 53 -11.30 0.73 30.79
N GLU E 54 -11.45 -0.44 31.41
CA GLU E 54 -10.30 -1.22 31.86
C GLU E 54 -9.43 -1.62 30.68
N ALA E 55 -10.07 -2.07 29.61
CA ALA E 55 -9.37 -2.48 28.40
C ALA E 55 -8.60 -1.32 27.79
N GLY E 56 -9.24 -0.15 27.75
CA GLY E 56 -8.62 1.05 27.23
C GLY E 56 -7.41 1.44 28.06
N ASP E 57 -7.56 1.39 29.38
CA ASP E 57 -6.46 1.69 30.30
C ASP E 57 -5.27 0.76 30.09
N GLU E 58 -5.57 -0.53 29.91
CA GLU E 58 -4.53 -1.54 29.75
C GLU E 58 -3.82 -1.41 28.41
N PHE E 59 -4.57 -1.09 27.36
CA PHE E 59 -4.00 -0.94 26.04
C PHE E 59 -2.97 0.19 26.00
N GLU E 60 -3.38 1.36 26.51
CA GLU E 60 -2.52 2.53 26.55
C GLU E 60 -1.28 2.26 27.40
N LEU E 61 -1.44 1.44 28.42
CA LEU E 61 -0.32 1.04 29.27
C LEU E 61 0.66 0.17 28.48
N ARG E 62 0.12 -0.76 27.69
CA ARG E 62 0.94 -1.62 26.86
C ARG E 62 1.54 -0.84 25.68
N TYR E 63 0.90 0.27 25.34
CA TYR E 63 1.38 1.11 24.24
C TYR E 63 2.52 2.01 24.70
N ARG E 64 2.39 2.56 25.90
CA ARG E 64 3.39 3.47 26.43
C ARG E 64 4.68 2.75 26.82
N ARG E 65 4.59 1.44 26.98
CA ARG E 65 5.76 0.64 27.33
C ARG E 65 6.57 0.30 26.08
N ALA E 66 5.88 -0.07 25.00
CA ALA E 66 6.55 -0.44 23.76
C ALA E 66 7.03 0.79 22.99
N PHE E 67 6.19 1.82 22.93
CA PHE E 67 6.55 3.04 22.23
C PHE E 67 6.37 4.25 23.14
N SER E 68 6.15 5.42 22.55
CA SER E 68 5.77 6.60 23.32
C SER E 68 4.29 6.54 23.60
N ASP E 69 3.80 7.41 24.48
CA ASP E 69 2.38 7.45 24.78
C ASP E 69 1.62 7.91 23.53
N LEU E 70 0.43 7.36 23.31
CA LEU E 70 -0.34 7.62 22.10
C LEU E 70 -0.70 9.09 21.92
N THR E 71 -0.65 9.84 23.02
CA THR E 71 -1.01 11.26 23.00
C THR E 71 0.01 12.11 22.25
N SER E 72 1.27 11.68 22.24
CA SER E 72 2.35 12.47 21.63
C SER E 72 2.86 11.83 20.34
N GLN E 73 2.11 10.87 19.80
CA GLN E 73 2.50 10.19 18.58
C GLN E 73 2.40 11.09 17.35
N LEU E 74 1.20 11.65 17.13
CA LEU E 74 0.97 12.47 15.95
C LEU E 74 0.86 13.95 16.28
N HIS E 75 1.44 14.78 15.42
CA HIS E 75 1.32 16.23 15.54
C HIS E 75 0.06 16.70 14.83
N ILE E 76 -0.89 17.23 15.60
CA ILE E 76 -2.19 17.58 15.05
C ILE E 76 -2.41 19.09 14.95
N THR E 77 -3.28 19.47 14.02
CA THR E 77 -3.79 20.82 13.90
C THR E 77 -5.28 20.69 13.60
N PRO E 78 -6.07 21.77 13.76
CA PRO E 78 -7.49 21.67 13.41
C PRO E 78 -7.72 21.22 11.97
N GLY E 79 -6.87 21.68 11.04
CA GLY E 79 -7.06 21.38 9.63
C GLY E 79 -6.58 20.01 9.21
N THR E 80 -5.67 19.43 10.00
CA THR E 80 -5.07 18.14 9.67
C THR E 80 -5.81 17.00 10.36
N ALA E 81 -6.51 17.33 11.43
CA ALA E 81 -7.12 16.35 12.34
C ALA E 81 -7.96 15.28 11.65
N TYR E 82 -8.94 15.70 10.86
CA TYR E 82 -9.89 14.75 10.26
C TYR E 82 -9.23 13.79 9.27
N GLN E 83 -8.34 14.32 8.43
CA GLN E 83 -7.64 13.51 7.46
C GLN E 83 -6.71 12.52 8.15
N SER E 84 -6.12 12.95 9.26
CA SER E 84 -5.21 12.11 10.03
C SER E 84 -5.96 10.99 10.75
N PHE E 85 -7.13 11.31 11.28
CA PHE E 85 -7.93 10.32 12.01
C PHE E 85 -8.39 9.19 11.12
N GLU E 86 -8.93 9.55 9.95
CA GLU E 86 -9.49 8.55 9.04
C GLU E 86 -8.39 7.71 8.40
N GLN E 87 -7.24 8.31 8.13
CA GLN E 87 -6.12 7.60 7.52
C GLN E 87 -5.59 6.51 8.45
N VAL E 88 -5.55 6.81 9.75
CA VAL E 88 -5.08 5.86 10.75
C VAL E 88 -6.07 4.70 10.91
N VAL E 89 -7.34 5.05 11.14
CA VAL E 89 -8.37 4.06 11.39
C VAL E 89 -8.57 3.12 10.20
N ASN E 90 -8.54 3.67 8.99
CA ASN E 90 -8.71 2.86 7.79
C ASN E 90 -7.57 1.85 7.61
N GLU E 91 -6.36 2.25 7.98
CA GLU E 91 -5.19 1.38 7.86
C GLU E 91 -5.15 0.35 8.99
N LEU E 92 -5.73 0.70 10.13
CA LEU E 92 -5.81 -0.19 11.27
C LEU E 92 -6.74 -1.36 11.00
N PHE E 93 -7.77 -1.12 10.19
CA PHE E 93 -8.79 -2.13 9.92
C PHE E 93 -8.76 -2.67 8.50
N ARG E 94 -7.68 -2.39 7.77
CA ARG E 94 -7.57 -2.82 6.38
C ARG E 94 -7.47 -4.34 6.27
N ASP E 95 -6.60 -4.93 7.09
CA ASP E 95 -6.32 -6.35 7.02
C ASP E 95 -7.17 -7.19 7.97
N GLY E 96 -8.29 -6.62 8.42
CA GLY E 96 -9.22 -7.37 9.26
C GLY E 96 -9.60 -6.69 10.56
N VAL E 97 -10.60 -7.26 11.23
CA VAL E 97 -11.11 -6.71 12.47
C VAL E 97 -11.13 -7.76 13.59
N ASN E 98 -10.54 -7.41 14.73
CA ASN E 98 -10.68 -8.23 15.93
C ASN E 98 -10.97 -7.33 17.14
N TRP E 99 -11.26 -7.94 18.28
CA TRP E 99 -11.61 -7.17 19.47
C TRP E 99 -10.48 -6.27 19.95
N GLY E 100 -9.25 -6.70 19.69
CA GLY E 100 -8.08 -5.92 20.06
C GLY E 100 -8.01 -4.60 19.32
N ARG E 101 -8.25 -4.66 18.01
CA ARG E 101 -8.20 -3.46 17.17
C ARG E 101 -9.33 -2.49 17.52
N ILE E 102 -10.43 -3.02 18.04
CA ILE E 102 -11.55 -2.18 18.46
C ILE E 102 -11.18 -1.41 19.72
N VAL E 103 -10.41 -2.05 20.60
CA VAL E 103 -9.90 -1.38 21.78
C VAL E 103 -8.88 -0.32 21.36
N ALA E 104 -8.04 -0.69 20.40
CA ALA E 104 -7.07 0.24 19.83
C ALA E 104 -7.78 1.46 19.24
N PHE E 105 -8.94 1.22 18.65
CA PHE E 105 -9.76 2.26 18.05
C PHE E 105 -10.23 3.28 19.08
N PHE E 106 -10.76 2.78 20.20
CA PHE E 106 -11.28 3.65 21.25
C PHE E 106 -10.18 4.46 21.92
N SER E 107 -9.11 3.79 22.34
CA SER E 107 -8.02 4.45 23.06
C SER E 107 -7.27 5.45 22.18
N PHE E 108 -7.32 5.24 20.86
CA PHE E 108 -6.72 6.17 19.92
C PHE E 108 -7.52 7.47 19.88
N GLY E 109 -8.84 7.34 19.81
CA GLY E 109 -9.72 8.49 19.85
C GLY E 109 -9.62 9.21 21.18
N GLY E 110 -9.46 8.44 22.26
CA GLY E 110 -9.29 9.00 23.57
C GLY E 110 -8.02 9.81 23.68
N ALA E 111 -6.95 9.30 23.09
CA ALA E 111 -5.67 9.99 23.08
C ALA E 111 -5.75 11.30 22.30
N LEU E 112 -6.50 11.28 21.20
CA LEU E 112 -6.69 12.47 20.37
C LEU E 112 -7.41 13.57 21.13
N CYS E 113 -8.50 13.20 21.81
CA CYS E 113 -9.27 14.17 22.60
C CYS E 113 -8.42 14.80 23.69
N VAL E 114 -7.75 13.96 24.47
CA VAL E 114 -6.91 14.40 25.57
C VAL E 114 -5.80 15.34 25.07
N GLU E 115 -5.20 14.99 23.93
CA GLU E 115 -4.13 15.81 23.36
C GLU E 115 -4.66 17.12 22.80
N SER E 116 -5.79 17.04 22.10
CA SER E 116 -6.37 18.23 21.47
C SER E 116 -6.76 19.28 22.51
N VAL E 117 -7.17 18.82 23.68
CA VAL E 117 -7.48 19.73 24.78
C VAL E 117 -6.19 20.32 25.35
N ASP E 118 -5.16 19.49 25.46
CA ASP E 118 -3.87 19.93 26.00
C ASP E 118 -3.22 20.97 25.10
N LYS E 119 -3.36 20.81 23.79
CA LYS E 119 -2.79 21.74 22.83
C LYS E 119 -3.80 22.85 22.49
N GLU E 120 -4.84 22.95 23.31
CA GLU E 120 -5.86 23.98 23.19
C GLU E 120 -6.55 23.99 21.82
N MET E 121 -6.96 22.80 21.37
CA MET E 121 -7.80 22.66 20.19
C MET E 121 -9.02 21.82 20.54
N GLN E 122 -9.84 22.30 21.45
CA GLN E 122 -10.95 21.52 21.99
C GLN E 122 -12.18 21.49 21.08
N VAL E 123 -12.01 22.02 19.86
CA VAL E 123 -13.06 21.97 18.86
C VAL E 123 -13.16 20.55 18.30
N LEU E 124 -12.05 19.83 18.36
CA LEU E 124 -11.98 18.47 17.83
C LEU E 124 -12.71 17.46 18.70
N VAL E 125 -12.81 17.74 20.00
CA VAL E 125 -13.41 16.81 20.96
C VAL E 125 -14.80 16.33 20.55
N SER E 126 -15.68 17.28 20.23
CA SER E 126 -17.01 16.95 19.76
C SER E 126 -16.96 16.18 18.45
N ARG E 127 -15.99 16.54 17.60
CA ARG E 127 -15.87 15.95 16.27
C ARG E 127 -15.25 14.56 16.32
N ILE E 128 -14.21 14.39 17.15
CA ILE E 128 -13.57 13.10 17.30
C ILE E 128 -14.58 12.06 17.76
N ALA E 129 -15.44 12.45 18.69
CA ALA E 129 -16.54 11.59 19.12
C ALA E 129 -17.47 11.29 17.95
N ALA E 130 -17.77 12.31 17.17
CA ALA E 130 -18.62 12.16 16.00
C ALA E 130 -17.97 11.27 14.96
N TRP E 131 -16.68 11.49 14.71
CA TRP E 131 -15.93 10.68 13.75
C TRP E 131 -15.93 9.22 14.18
N MET E 132 -15.71 8.98 15.47
CA MET E 132 -15.70 7.63 16.01
C MET E 132 -17.06 6.96 15.90
N ALA E 133 -18.11 7.68 16.30
CA ALA E 133 -19.45 7.13 16.32
C ALA E 133 -19.94 6.74 14.92
N THR E 134 -19.63 7.56 13.93
CA THR E 134 -20.04 7.28 12.55
C THR E 134 -19.31 6.06 12.00
N TYR E 135 -18.01 5.95 12.27
CA TYR E 135 -17.24 4.81 11.81
C TYR E 135 -17.66 3.55 12.53
N LEU E 136 -18.05 3.70 13.80
CA LEU E 136 -18.46 2.56 14.61
C LEU E 136 -19.79 2.00 14.12
N ASN E 137 -20.61 2.87 13.52
CA ASN E 137 -21.89 2.45 12.97
C ASN E 137 -21.79 1.95 11.53
N ASP E 138 -20.95 2.61 10.74
CA ASP E 138 -20.87 2.34 9.31
C ASP E 138 -19.99 1.14 8.96
N HIS E 139 -18.89 0.98 9.69
CA HIS E 139 -17.86 0.02 9.27
C HIS E 139 -17.50 -1.04 10.29
N LEU E 140 -18.04 -0.97 11.49
CA LEU E 140 -17.68 -1.92 12.55
C LEU E 140 -18.88 -2.65 13.15
N GLU E 141 -20.03 -2.00 13.18
CA GLU E 141 -21.24 -2.59 13.73
C GLU E 141 -21.64 -3.93 13.09
N PRO E 142 -21.51 -4.07 11.75
CA PRO E 142 -21.79 -5.40 11.20
C PRO E 142 -20.87 -6.49 11.75
N TRP E 143 -19.61 -6.16 11.99
CA TRP E 143 -18.66 -7.12 12.54
C TRP E 143 -19.02 -7.49 13.97
N ILE E 144 -19.42 -6.50 14.75
CA ILE E 144 -19.77 -6.69 16.16
C ILE E 144 -20.87 -7.73 16.33
N GLN E 145 -21.96 -7.55 15.60
CA GLN E 145 -23.12 -8.43 15.70
C GLN E 145 -22.82 -9.85 15.27
N GLU E 146 -22.00 -10.00 14.23
CA GLU E 146 -21.68 -11.31 13.68
C GLU E 146 -20.56 -11.99 14.45
N ASN E 147 -20.09 -11.34 15.51
CA ASN E 147 -19.08 -11.92 16.39
C ASN E 147 -19.55 -12.00 17.84
N GLY E 148 -20.86 -11.90 18.04
CA GLY E 148 -21.45 -12.12 19.35
C GLY E 148 -21.93 -10.88 20.07
N GLY E 149 -21.78 -9.72 19.45
CA GLY E 149 -22.24 -8.47 20.06
C GLY E 149 -21.28 -7.94 21.10
N TRP E 150 -21.68 -6.85 21.77
CA TRP E 150 -20.82 -6.19 22.74
C TRP E 150 -20.73 -6.94 24.06
N ASP E 151 -21.72 -7.78 24.35
CA ASP E 151 -21.70 -8.56 25.59
C ASP E 151 -20.63 -9.66 25.53
N THR E 152 -20.38 -10.15 24.33
CA THR E 152 -19.34 -11.16 24.13
C THR E 152 -17.97 -10.58 24.49
N PHE E 153 -17.80 -9.29 24.24
CA PHE E 153 -16.56 -8.59 24.58
C PHE E 153 -16.29 -8.60 26.09
N VAL E 154 -17.36 -8.43 26.87
CA VAL E 154 -17.25 -8.45 28.32
C VAL E 154 -16.84 -9.84 28.81
N GLU E 155 -17.36 -10.86 28.15
CA GLU E 155 -17.07 -12.24 28.52
C GLU E 155 -15.60 -12.60 28.30
N LEU E 156 -15.06 -12.18 27.17
CA LEU E 156 -13.68 -12.52 26.81
C LEU E 156 -12.66 -11.58 27.46
N TYR E 157 -13.13 -10.47 28.02
CA TYR E 157 -12.24 -9.49 28.62
C TYR E 157 -12.73 -8.99 29.98
N GLY E 158 -12.68 -9.87 30.96
CA GLY E 158 -13.04 -9.54 32.35
C GLY E 158 -14.42 -8.91 32.47
N HIS F 1 3.21 9.47 1.61
CA HIS F 1 3.98 10.07 2.71
C HIS F 1 3.10 10.32 3.93
N GLN F 2 2.95 9.29 4.77
CA GLN F 2 2.17 9.41 5.99
C GLN F 2 2.79 8.65 7.17
N ALA F 3 2.87 9.34 8.31
CA ALA F 3 3.29 8.70 9.55
C ALA F 3 2.05 8.15 10.26
N GLU F 4 0.88 8.38 9.66
CA GLU F 4 -0.37 7.85 10.17
C GLU F 4 -0.41 6.32 10.08
N VAL F 5 0.21 5.79 9.02
CA VAL F 5 0.24 4.35 8.81
C VAL F 5 1.12 3.66 9.86
N GLN F 6 2.23 4.30 10.20
CA GLN F 6 3.15 3.78 11.20
C GLN F 6 2.45 3.66 12.55
N ILE F 7 1.61 4.64 12.88
CA ILE F 7 0.84 4.62 14.11
C ILE F 7 -0.18 3.49 14.06
N ALA F 8 -0.81 3.32 12.91
CA ALA F 8 -1.81 2.27 12.72
C ALA F 8 -1.20 0.88 12.92
N ARG F 9 0.05 0.72 12.47
CA ARG F 9 0.74 -0.55 12.61
C ARG F 9 1.16 -0.78 14.06
N LYS F 10 1.60 0.28 14.73
CA LYS F 10 1.91 0.21 16.15
C LYS F 10 0.66 -0.12 16.95
N LEU F 11 -0.47 0.42 16.50
CA LEU F 11 -1.76 0.10 17.11
C LEU F 11 -2.07 -1.39 16.91
N GLN F 12 -1.82 -1.88 15.70
CA GLN F 12 -2.08 -3.28 15.36
C GLN F 12 -1.18 -4.24 16.12
N CYS F 13 0.09 -3.87 16.27
CA CYS F 13 1.08 -4.73 16.93
C CYS F 13 0.68 -5.08 18.36
N ILE F 14 -0.03 -4.16 19.01
CA ILE F 14 -0.45 -4.36 20.40
C ILE F 14 -1.88 -4.88 20.44
N ALA F 15 -2.68 -4.50 19.45
CA ALA F 15 -4.05 -4.98 19.34
C ALA F 15 -4.10 -6.48 19.09
N ASP F 16 -3.14 -6.97 18.31
CA ASP F 16 -3.13 -8.38 17.91
C ASP F 16 -2.62 -9.30 19.01
N GLN F 17 -1.83 -8.76 19.93
CA GLN F 17 -1.32 -9.53 21.06
C GLN F 17 -2.19 -9.31 22.29
N PHE F 18 -3.33 -8.68 22.09
CA PHE F 18 -4.19 -8.27 23.20
C PHE F 18 -5.25 -9.31 23.53
N HIS F 19 -5.40 -10.32 22.68
CA HIS F 19 -6.36 -11.39 22.92
C HIS F 19 -5.87 -12.29 24.06
N ARG F 20 -4.60 -12.16 24.39
CA ARG F 20 -4.06 -12.73 25.62
C ARG F 20 -4.33 -11.74 26.75
N LEU F 21 -5.59 -11.68 27.18
CA LEU F 21 -6.06 -10.67 28.13
C LEU F 21 -5.23 -10.59 29.39
N MET G 1 -38.52 38.39 4.30
CA MET G 1 -38.24 38.80 2.92
C MET G 1 -37.83 37.60 2.07
N SER G 2 -38.03 36.41 2.63
CA SER G 2 -37.57 35.14 2.02
C SER G 2 -36.24 35.26 1.32
N GLN G 3 -35.31 35.97 1.96
CA GLN G 3 -33.93 35.95 1.54
C GLN G 3 -33.35 34.60 1.95
N SER G 4 -33.76 33.56 1.24
CA SER G 4 -33.34 32.20 1.52
C SER G 4 -31.92 31.97 1.02
N ASN G 5 -31.29 33.06 0.59
CA ASN G 5 -29.88 33.05 0.25
C ASN G 5 -29.04 32.65 1.47
N ARG G 6 -29.51 33.04 2.65
CA ARG G 6 -28.86 32.67 3.90
C ARG G 6 -28.80 31.16 4.03
N GLU G 7 -29.86 30.48 3.60
CA GLU G 7 -29.89 29.02 3.61
C GLU G 7 -28.84 28.46 2.65
N LEU G 8 -28.70 29.08 1.49
CA LEU G 8 -27.70 28.67 0.49
C LEU G 8 -26.28 28.85 1.02
N VAL G 9 -26.04 29.97 1.68
CA VAL G 9 -24.73 30.27 2.24
C VAL G 9 -24.37 29.30 3.35
N VAL G 10 -25.30 29.11 4.29
CA VAL G 10 -25.10 28.20 5.41
C VAL G 10 -24.90 26.77 4.91
N ASP G 11 -25.63 26.39 3.87
CA ASP G 11 -25.50 25.07 3.28
C ASP G 11 -24.12 24.84 2.68
N PHE G 12 -23.67 25.79 1.88
CA PHE G 12 -22.37 25.68 1.21
C PHE G 12 -21.23 25.67 2.22
N LEU G 13 -21.32 26.54 3.22
CA LEU G 13 -20.27 26.63 4.24
C LEU G 13 -20.27 25.40 5.14
N SER G 14 -21.45 24.84 5.39
CA SER G 14 -21.55 23.61 6.17
C SER G 14 -20.84 22.48 5.46
N TYR G 15 -21.05 22.40 4.14
CA TYR G 15 -20.41 21.39 3.31
C TYR G 15 -18.89 21.52 3.36
N LYS G 16 -18.40 22.75 3.16
CA LYS G 16 -16.97 23.02 3.21
C LYS G 16 -16.37 22.70 4.57
N LEU G 17 -17.11 23.01 5.63
CA LEU G 17 -16.65 22.73 6.99
C LEU G 17 -16.67 21.23 7.29
N SER G 18 -17.72 20.55 6.85
CA SER G 18 -17.87 19.13 7.10
C SER G 18 -16.82 18.30 6.37
N GLN G 19 -16.28 18.85 5.28
CA GLN G 19 -15.19 18.22 4.55
C GLN G 19 -13.95 18.14 5.43
N LYS G 20 -13.78 19.13 6.30
CA LYS G 20 -12.64 19.20 7.19
C LYS G 20 -12.93 18.54 8.54
N GLY G 21 -14.15 18.04 8.71
CA GLY G 21 -14.52 17.28 9.89
C GLY G 21 -15.30 18.05 10.93
N TYR G 22 -15.64 19.30 10.64
CA TYR G 22 -16.40 20.11 11.60
C TYR G 22 -17.90 20.09 11.30
N SER G 23 -18.64 20.87 12.08
CA SER G 23 -20.06 21.04 11.86
C SER G 23 -20.42 22.52 11.95
N TRP G 24 -21.40 22.96 11.18
CA TRP G 24 -21.85 24.34 11.22
C TRP G 24 -22.42 24.70 12.58
N SER G 25 -22.91 23.67 13.29
CA SER G 25 -23.49 23.86 14.62
CA SER G 25 -23.48 23.85 14.62
C SER G 25 -22.45 24.39 15.60
N GLN G 26 -21.19 24.05 15.39
CA GLN G 26 -20.11 24.45 16.27
C GLN G 26 -19.86 25.97 16.30
N PHE G 27 -20.33 26.67 15.27
CA PHE G 27 -19.97 28.08 15.11
C PHE G 27 -21.16 29.02 15.06
N SER G 28 -22.38 28.47 15.02
CA SER G 28 -23.58 29.29 14.97
C SER G 28 -24.81 28.55 15.49
N ASP G 29 -25.77 29.30 16.01
CA ASP G 29 -26.99 28.71 16.56
C ASP G 29 -28.18 28.97 15.63
N SER G 43 -41.87 23.01 -3.53
CA SER G 43 -40.81 24.02 -3.53
C SER G 43 -39.49 23.43 -3.03
N GLU G 44 -39.42 22.11 -2.99
CA GLU G 44 -38.19 21.42 -2.59
C GLU G 44 -37.26 21.25 -3.78
N MET G 45 -37.07 22.33 -4.54
CA MET G 45 -36.21 22.33 -5.71
C MET G 45 -34.80 22.77 -5.33
N ALA G 46 -34.39 22.43 -4.11
CA ALA G 46 -33.07 22.77 -3.63
C ALA G 46 -32.02 21.79 -4.16
N ALA G 47 -32.01 21.63 -5.48
CA ALA G 47 -30.92 20.92 -6.16
C ALA G 47 -29.83 21.93 -6.42
N VAL G 48 -30.15 23.20 -6.17
CA VAL G 48 -29.19 24.29 -6.22
C VAL G 48 -28.07 24.02 -5.22
N LYS G 49 -28.46 23.53 -4.05
CA LYS G 49 -27.51 23.15 -3.01
C LYS G 49 -26.50 22.15 -3.54
N GLN G 50 -26.98 21.13 -4.23
CA GLN G 50 -26.11 20.11 -4.80
C GLN G 50 -25.34 20.65 -5.99
N ALA G 51 -25.98 21.49 -6.78
CA ALA G 51 -25.35 22.08 -7.96
C ALA G 51 -24.22 23.02 -7.56
N LEU G 52 -24.44 23.78 -6.49
CA LEU G 52 -23.46 24.76 -6.04
C LEU G 52 -22.25 24.09 -5.40
N ARG G 53 -22.47 22.95 -4.76
CA ARG G 53 -21.38 22.21 -4.12
C ARG G 53 -20.41 21.66 -5.15
N GLU G 54 -20.93 20.99 -6.17
CA GLU G 54 -20.12 20.43 -7.24
C GLU G 54 -19.36 21.54 -7.96
N ALA G 55 -20.04 22.67 -8.17
CA ALA G 55 -19.42 23.83 -8.80
C ALA G 55 -18.30 24.37 -7.93
N GLY G 56 -18.54 24.47 -6.63
CA GLY G 56 -17.54 24.93 -5.68
C GLY G 56 -16.34 24.02 -5.66
N ASP G 57 -16.59 22.71 -5.60
CA ASP G 57 -15.52 21.72 -5.61
C ASP G 57 -14.68 21.83 -6.87
N GLU G 58 -15.34 22.03 -8.00
CA GLU G 58 -14.66 22.11 -9.29
C GLU G 58 -13.83 23.39 -9.41
N PHE G 59 -14.39 24.51 -8.95
CA PHE G 59 -13.70 25.78 -9.00
C PHE G 59 -12.40 25.75 -8.21
N GLU G 60 -12.50 25.31 -6.96
CA GLU G 60 -11.36 25.22 -6.07
C GLU G 60 -10.30 24.26 -6.63
N LEU G 61 -10.76 23.24 -7.35
CA LEU G 61 -9.87 22.29 -8.00
C LEU G 61 -9.08 22.98 -9.11
N ARG G 62 -9.79 23.74 -9.94
CA ARG G 62 -9.17 24.46 -11.05
C ARG G 62 -8.30 25.61 -10.54
N TYR G 63 -8.64 26.13 -9.36
CA TYR G 63 -7.87 27.23 -8.77
C TYR G 63 -6.54 26.72 -8.22
N ARG G 64 -6.57 25.58 -7.55
CA ARG G 64 -5.38 25.02 -6.92
C ARG G 64 -4.39 24.50 -7.96
N ARG G 65 -4.86 24.28 -9.18
CA ARG G 65 -3.99 23.79 -10.25
C ARG G 65 -3.28 24.96 -10.94
N ALA G 66 -3.99 26.06 -11.11
CA ALA G 66 -3.44 27.24 -11.76
C ALA G 66 -2.54 28.03 -10.83
N PHE G 67 -2.99 28.23 -9.61
CA PHE G 67 -2.21 28.94 -8.60
C PHE G 67 -2.02 28.06 -7.37
N SER G 68 -1.89 28.68 -6.22
CA SER G 68 -1.97 27.97 -4.94
C SER G 68 -3.46 27.84 -4.57
N ASP G 69 -3.75 27.09 -3.51
CA ASP G 69 -5.14 26.91 -3.09
C ASP G 69 -5.55 28.22 -2.41
N LEU G 70 -6.82 28.57 -2.53
CA LEU G 70 -7.35 29.83 -1.98
C LEU G 70 -7.23 29.90 -0.46
N THR G 71 -7.14 28.74 0.19
CA THR G 71 -7.12 28.69 1.66
C THR G 71 -5.82 29.23 2.26
N SER G 72 -4.83 29.50 1.41
CA SER G 72 -3.54 30.00 1.89
C SER G 72 -3.08 31.24 1.13
N GLN G 73 -4.00 31.86 0.39
CA GLN G 73 -3.67 33.03 -0.41
C GLN G 73 -3.45 34.28 0.46
N LEU G 74 -4.43 34.59 1.29
CA LEU G 74 -4.38 35.81 2.10
C LEU G 74 -4.07 35.52 3.56
N HIS G 75 -3.11 36.26 4.11
CA HIS G 75 -2.80 36.18 5.54
C HIS G 75 -3.86 36.94 6.32
N ILE G 76 -4.61 36.23 7.16
CA ILE G 76 -5.74 36.84 7.85
C ILE G 76 -5.53 36.94 9.35
N THR G 77 -6.07 38.03 9.92
CA THR G 77 -6.19 38.20 11.36
C THR G 77 -7.62 38.66 11.62
N PRO G 78 -8.12 38.49 12.86
CA PRO G 78 -9.49 38.90 13.18
C PRO G 78 -9.81 40.34 12.77
N GLY G 79 -8.92 41.28 13.08
CA GLY G 79 -9.16 42.68 12.79
C GLY G 79 -8.94 43.07 11.33
N THR G 80 -8.38 42.15 10.57
CA THR G 80 -8.05 42.39 9.16
C THR G 80 -9.12 41.81 8.25
N ALA G 81 -9.73 40.71 8.70
CA ALA G 81 -10.63 39.90 7.90
C ALA G 81 -11.72 40.66 7.13
N TYR G 82 -12.48 41.50 7.82
CA TYR G 82 -13.63 42.17 7.21
C TYR G 82 -13.22 43.05 6.03
N GLN G 83 -12.23 43.91 6.23
CA GLN G 83 -11.77 44.81 5.19
C GLN G 83 -11.20 44.04 4.01
N SER G 84 -10.57 42.90 4.31
CA SER G 84 -9.99 42.06 3.27
C SER G 84 -11.07 41.37 2.44
N PHE G 85 -12.12 40.90 3.11
CA PHE G 85 -13.21 40.22 2.44
C PHE G 85 -13.94 41.15 1.46
N GLU G 86 -14.31 42.33 1.94
CA GLU G 86 -15.06 43.28 1.13
C GLU G 86 -14.23 43.85 -0.02
N GLN G 87 -12.93 44.01 0.21
CA GLN G 87 -12.03 44.53 -0.82
C GLN G 87 -11.90 43.55 -1.98
N VAL G 88 -11.79 42.26 -1.66
CA VAL G 88 -11.68 41.22 -2.66
C VAL G 88 -12.97 41.11 -3.49
N VAL G 89 -14.09 40.99 -2.78
CA VAL G 89 -15.39 40.81 -3.42
C VAL G 89 -15.75 41.99 -4.33
N ASN G 90 -15.47 43.21 -3.87
CA ASN G 90 -15.77 44.41 -4.64
C ASN G 90 -14.99 44.46 -5.96
N GLU G 91 -13.72 44.04 -5.92
CA GLU G 91 -12.87 44.05 -7.11
C GLU G 91 -13.27 42.93 -8.07
N LEU G 92 -13.79 41.84 -7.52
CA LEU G 92 -14.21 40.70 -8.32
C LEU G 92 -15.46 41.02 -9.12
N PHE G 93 -16.28 41.93 -8.60
CA PHE G 93 -17.58 42.22 -9.19
C PHE G 93 -17.68 43.62 -9.78
N ARG G 94 -16.54 44.30 -9.92
CA ARG G 94 -16.53 45.68 -10.40
C ARG G 94 -16.80 45.76 -11.91
N ASP G 95 -16.15 44.87 -12.66
CA ASP G 95 -16.24 44.91 -14.12
C ASP G 95 -17.31 43.99 -14.68
N GLY G 96 -18.23 43.56 -13.83
CA GLY G 96 -19.34 42.73 -14.29
C GLY G 96 -19.63 41.52 -13.42
N VAL G 97 -20.79 40.91 -13.65
CA VAL G 97 -21.20 39.74 -12.89
C VAL G 97 -21.64 38.60 -13.81
N ASN G 98 -21.09 37.41 -13.58
CA ASN G 98 -21.54 36.21 -14.26
C ASN G 98 -21.62 35.04 -13.28
N TRP G 99 -22.15 33.91 -13.74
CA TRP G 99 -22.33 32.75 -12.86
C TRP G 99 -21.01 32.22 -12.32
N GLY G 100 -19.95 32.30 -13.13
CA GLY G 100 -18.64 31.85 -12.72
C GLY G 100 -18.11 32.65 -11.53
N ARG G 101 -18.32 33.96 -11.56
CA ARG G 101 -17.85 34.83 -10.49
C ARG G 101 -18.68 34.64 -9.22
N ILE G 102 -19.92 34.21 -9.39
CA ILE G 102 -20.79 33.93 -8.25
C ILE G 102 -20.30 32.67 -7.52
N VAL G 103 -19.80 31.70 -8.28
CA VAL G 103 -19.20 30.51 -7.71
C VAL G 103 -17.87 30.87 -7.04
N ALA G 104 -17.11 31.75 -7.70
CA ALA G 104 -15.87 32.27 -7.13
C ALA G 104 -16.13 32.96 -5.80
N PHE G 105 -17.28 33.62 -5.71
CA PHE G 105 -17.73 34.28 -4.49
C PHE G 105 -17.92 33.27 -3.36
N PHE G 106 -18.64 32.19 -3.66
CA PHE G 106 -18.90 31.15 -2.66
C PHE G 106 -17.63 30.42 -2.26
N SER G 107 -16.81 30.05 -3.24
CA SER G 107 -15.58 29.32 -3.00
C SER G 107 -14.62 30.12 -2.12
N PHE G 108 -14.54 31.42 -2.38
CA PHE G 108 -13.67 32.31 -1.60
C PHE G 108 -14.14 32.41 -0.15
N GLY G 109 -15.45 32.47 0.03
CA GLY G 109 -16.02 32.50 1.37
C GLY G 109 -15.77 31.20 2.10
N GLY G 110 -15.86 30.09 1.39
CA GLY G 110 -15.62 28.78 1.96
C GLY G 110 -14.17 28.62 2.39
N ALA G 111 -13.25 29.10 1.56
CA ALA G 111 -11.83 29.03 1.86
C ALA G 111 -11.49 29.85 3.11
N LEU G 112 -12.14 31.00 3.25
CA LEU G 112 -11.95 31.86 4.42
C LEU G 112 -12.36 31.16 5.71
N CYS G 113 -13.54 30.54 5.68
CA CYS G 113 -14.06 29.82 6.84
C CYS G 113 -13.12 28.68 7.25
N VAL G 114 -12.75 27.86 6.28
CA VAL G 114 -11.88 26.72 6.54
C VAL G 114 -10.52 27.16 7.08
N GLU G 115 -9.97 28.23 6.52
CA GLU G 115 -8.69 28.75 7.00
C GLU G 115 -8.81 29.35 8.40
N SER G 116 -9.89 30.09 8.62
CA SER G 116 -10.10 30.76 9.90
C SER G 116 -10.23 29.75 11.04
N VAL G 117 -10.75 28.57 10.74
CA VAL G 117 -10.84 27.51 11.73
C VAL G 117 -9.46 26.88 11.94
N ASP G 118 -8.70 26.76 10.86
CA ASP G 118 -7.37 26.16 10.91
C ASP G 118 -6.39 27.05 11.69
N LYS G 119 -6.51 28.36 11.52
CA LYS G 119 -5.66 29.31 12.23
C LYS G 119 -6.30 29.71 13.56
N GLU G 120 -7.32 28.96 13.97
CA GLU G 120 -7.99 29.15 15.25
C GLU G 120 -8.58 30.55 15.42
N MET G 121 -9.35 30.97 14.42
CA MET G 121 -10.10 32.22 14.49
C MET G 121 -11.55 31.94 14.14
N GLN G 122 -12.20 31.09 14.93
CA GLN G 122 -13.55 30.62 14.66
C GLN G 122 -14.58 31.74 14.73
N VAL G 123 -14.19 32.84 15.38
CA VAL G 123 -15.03 34.02 15.50
C VAL G 123 -15.54 34.49 14.14
N LEU G 124 -14.69 34.34 13.12
CA LEU G 124 -14.98 34.83 11.78
C LEU G 124 -16.02 34.00 11.03
N VAL G 125 -16.11 32.71 11.37
CA VAL G 125 -16.96 31.77 10.65
C VAL G 125 -18.40 32.24 10.49
N SER G 126 -19.04 32.58 11.62
CA SER G 126 -20.41 33.06 11.59
C SER G 126 -20.51 34.40 10.86
N ARG G 127 -19.46 35.20 10.98
CA ARG G 127 -19.44 36.53 10.38
C ARG G 127 -19.25 36.47 8.87
N ILE G 128 -18.35 35.59 8.41
CA ILE G 128 -18.13 35.41 6.98
C ILE G 128 -19.43 35.02 6.29
N ALA G 129 -20.20 34.15 6.94
CA ALA G 129 -21.52 33.79 6.45
C ALA G 129 -22.42 35.01 6.38
N ALA G 130 -22.39 35.81 7.45
CA ALA G 130 -23.18 37.03 7.51
C ALA G 130 -22.73 38.03 6.47
N TRP G 131 -21.41 38.15 6.28
CA TRP G 131 -20.85 39.02 5.26
C TRP G 131 -21.31 38.60 3.87
N MET G 132 -21.24 37.29 3.61
CA MET G 132 -21.65 36.74 2.32
C MET G 132 -23.14 36.93 2.07
N ALA G 133 -23.95 36.62 3.10
CA ALA G 133 -25.40 36.71 2.97
C ALA G 133 -25.86 38.14 2.67
N THR G 134 -25.27 39.11 3.35
CA THR G 134 -25.63 40.50 3.17
C THR G 134 -25.29 40.99 1.75
N TYR G 135 -24.10 40.66 1.28
CA TYR G 135 -23.68 41.07 -0.06
C TYR G 135 -24.51 40.38 -1.13
N LEU G 136 -24.89 39.13 -0.86
CA LEU G 136 -25.66 38.34 -1.81
C LEU G 136 -27.06 38.92 -2.01
N ASN G 137 -27.59 39.54 -0.95
CA ASN G 137 -28.92 40.14 -1.01
C ASN G 137 -28.89 41.58 -1.52
N ASP G 138 -27.78 42.27 -1.30
CA ASP G 138 -27.70 43.69 -1.62
C ASP G 138 -27.19 43.98 -3.02
N HIS G 139 -26.18 43.23 -3.47
CA HIS G 139 -25.50 43.56 -4.73
C HIS G 139 -25.54 42.46 -5.79
N LEU G 140 -26.10 41.31 -5.45
CA LEU G 140 -26.14 40.20 -6.40
C LEU G 140 -27.55 39.69 -6.68
N GLU G 141 -28.42 39.79 -5.69
CA GLU G 141 -29.81 39.35 -5.83
C GLU G 141 -30.56 39.98 -7.02
N PRO G 142 -30.36 41.28 -7.29
CA PRO G 142 -31.00 41.80 -8.50
C PRO G 142 -30.50 41.15 -9.79
N TRP G 143 -29.19 40.91 -9.87
CA TRP G 143 -28.62 40.31 -11.08
C TRP G 143 -29.13 38.89 -11.30
N ILE G 144 -29.28 38.14 -10.22
CA ILE G 144 -29.64 36.72 -10.30
C ILE G 144 -31.00 36.49 -10.96
N GLN G 145 -32.03 37.16 -10.48
CA GLN G 145 -33.38 36.96 -11.02
C GLN G 145 -33.57 37.68 -12.35
N GLU G 146 -32.70 38.64 -12.64
CA GLU G 146 -32.71 39.31 -13.94
C GLU G 146 -31.88 38.52 -14.95
N ASN G 147 -31.35 37.39 -14.48
CA ASN G 147 -30.63 36.47 -15.36
C ASN G 147 -31.22 35.06 -15.25
N GLY G 148 -32.44 34.96 -14.74
CA GLY G 148 -33.17 33.71 -14.72
C GLY G 148 -33.32 33.03 -13.37
N GLY G 149 -32.76 33.63 -12.33
CA GLY G 149 -32.87 33.08 -10.99
C GLY G 149 -31.91 31.92 -10.75
N TRP G 150 -32.01 31.32 -9.57
CA TRP G 150 -31.09 30.26 -9.16
C TRP G 150 -31.31 28.94 -9.88
N ASP G 151 -32.48 28.79 -10.51
CA ASP G 151 -32.82 27.53 -11.17
C ASP G 151 -32.12 27.48 -12.53
N THR G 152 -31.84 28.63 -13.10
CA THR G 152 -31.08 28.71 -14.34
C THR G 152 -29.67 28.16 -14.11
N PHE G 153 -29.11 28.47 -12.94
CA PHE G 153 -27.78 28.02 -12.57
C PHE G 153 -27.66 26.49 -12.56
N VAL G 154 -28.72 25.81 -12.13
CA VAL G 154 -28.73 24.36 -12.10
C VAL G 154 -28.73 23.78 -13.51
N GLU G 155 -29.51 24.39 -14.40
CA GLU G 155 -29.64 23.92 -15.77
C GLU G 155 -28.33 24.10 -16.54
N LEU G 156 -27.74 25.29 -16.45
CA LEU G 156 -26.53 25.60 -17.20
C LEU G 156 -25.28 24.94 -16.62
N TYR G 157 -25.34 24.56 -15.35
CA TYR G 157 -24.18 23.97 -14.68
C TYR G 157 -24.47 22.61 -14.06
N GLY G 158 -25.35 21.85 -14.71
CA GLY G 158 -25.69 20.49 -14.28
C GLY G 158 -26.14 20.43 -12.83
N HIS H 1 -2.00 50.21 -0.81
CA HIS H 1 -1.47 48.86 -0.93
C HIS H 1 -2.56 47.79 -0.85
N GLN H 2 -2.43 46.76 -1.69
CA GLN H 2 -3.45 45.73 -1.77
C GLN H 2 -2.96 44.52 -2.55
N ALA H 3 -2.93 43.36 -1.89
CA ALA H 3 -2.69 42.10 -2.57
C ALA H 3 -4.02 41.35 -2.68
N GLU H 4 -5.07 41.99 -2.14
CA GLU H 4 -6.42 41.46 -2.21
C GLU H 4 -6.96 41.53 -3.64
N VAL H 5 -6.53 42.55 -4.37
CA VAL H 5 -6.95 42.74 -5.74
C VAL H 5 -6.41 41.65 -6.64
N GLN H 6 -5.19 41.20 -6.35
CA GLN H 6 -4.56 40.12 -7.09
C GLN H 6 -5.35 38.83 -6.94
N ILE H 7 -5.81 38.56 -5.73
CA ILE H 7 -6.64 37.38 -5.46
C ILE H 7 -7.95 37.46 -6.24
N ALA H 8 -8.54 38.65 -6.26
CA ALA H 8 -9.79 38.88 -6.98
C ALA H 8 -9.62 38.64 -8.48
N ARG H 9 -8.46 39.03 -9.00
CA ARG H 9 -8.17 38.84 -10.42
C ARG H 9 -7.93 37.37 -10.74
N LYS H 10 -7.25 36.67 -9.83
CA LYS H 10 -7.05 35.23 -9.97
C LYS H 10 -8.39 34.52 -9.95
N LEU H 11 -9.29 35.00 -9.09
CA LEU H 11 -10.64 34.46 -9.02
C LEU H 11 -11.38 34.70 -10.32
N GLN H 12 -11.23 35.90 -10.87
CA GLN H 12 -11.85 36.25 -12.15
C GLN H 12 -11.24 35.43 -13.30
N CYS H 13 -9.94 35.19 -13.23
CA CYS H 13 -9.22 34.47 -14.27
C CYS H 13 -9.76 33.05 -14.47
N ILE H 14 -10.38 32.51 -13.43
CA ILE H 14 -10.90 31.16 -13.47
C ILE H 14 -12.43 31.18 -13.54
N ALA H 15 -13.03 32.20 -12.95
CA ALA H 15 -14.48 32.38 -12.99
C ALA H 15 -14.96 32.63 -14.42
N ASP H 16 -14.14 33.33 -15.20
CA ASP H 16 -14.52 33.70 -16.56
C ASP H 16 -14.41 32.53 -17.54
N GLN H 17 -13.53 31.58 -17.23
CA GLN H 17 -13.36 30.39 -18.07
C GLN H 17 -14.22 29.23 -17.56
N PHE H 18 -15.15 29.54 -16.67
CA PHE H 18 -15.92 28.52 -15.98
C PHE H 18 -17.24 28.22 -16.69
N HIS H 19 -17.63 29.09 -17.62
CA HIS H 19 -18.86 28.88 -18.39
C HIS H 19 -18.70 27.70 -19.34
N ARG H 20 -17.45 27.33 -19.61
CA ARG H 20 -17.15 26.08 -20.27
C ARG H 20 -17.08 24.98 -19.21
N LEU H 21 -18.23 24.69 -18.63
CA LEU H 21 -18.33 23.78 -17.48
C LEU H 21 -17.76 22.40 -17.76
#